data_6TJ2
#
_entry.id   6TJ2
#
_cell.length_a   47.860
_cell.length_b   112.430
_cell.length_c   126.850
_cell.angle_alpha   90.000
_cell.angle_beta   90.000
_cell.angle_gamma   90.000
#
_symmetry.space_group_name_H-M   'P 21 21 21'
#
loop_
_entity.id
_entity.type
_entity.pdbx_description
1 polymer 'Alpha/beta hydrolase'
2 water water
#
_entity_poly.entity_id   1
_entity_poly.type   'polypeptide(L)'
_entity_poly.pdbx_seq_one_letter_code
;MKSIHIKIVLALCISIFTIMGLQPLNQHSTVAAANHKSSTKQTPLTFVLIHGSWATAGFWDETASELRKLGHTVYTPEYA
GHGADKNNNVTHEQITKSVVDYIKQKDLKDFILLGHSFGGSVIQTVSQQVPDRIKRIVFFDAFAPLDGQSVADQFPAESL
KSFEQLRDASGNNTITLPFPLFRDTFVNTASLAQAQAFYKQAPPEPATPLFEKLDLKKFYSLQIPKSYLYLTEDTAIPQG
PYGFHPTQSSHLGVFRFIEGKGDHMTTVRTEPKMMAELMVKAGRD
;
_entity_poly.pdbx_strand_id   A,B,C
#
# COMPACT_ATOMS: atom_id res chain seq x y z
N THR A 43 27.58 0.31 11.79
CA THR A 43 28.68 1.25 11.49
C THR A 43 28.12 2.66 11.65
N PRO A 44 28.85 3.61 12.29
CA PRO A 44 28.36 4.98 12.37
C PRO A 44 28.27 5.64 10.98
N LEU A 45 27.23 6.41 10.83
CA LEU A 45 26.87 7.14 9.60
C LEU A 45 26.90 8.65 9.90
N THR A 46 27.13 9.44 8.86
CA THR A 46 27.00 10.88 8.96
C THR A 46 25.82 11.25 8.07
N PHE A 47 24.84 11.93 8.61
CA PHE A 47 23.64 12.43 7.88
C PHE A 47 23.74 13.93 7.75
N VAL A 48 23.35 14.43 6.59
CA VAL A 48 23.02 15.84 6.33
C VAL A 48 21.53 15.88 5.98
N LEU A 49 20.71 16.43 6.86
CA LEU A 49 19.24 16.39 6.77
C LEU A 49 18.74 17.71 6.22
N ILE A 50 18.00 17.67 5.13
CA ILE A 50 17.47 18.86 4.41
C ILE A 50 15.96 18.87 4.56
N HIS A 51 15.45 19.85 5.30
CA HIS A 51 14.00 20.01 5.48
C HIS A 51 13.36 20.46 4.16
N GLY A 52 12.05 20.41 4.15
CA GLY A 52 11.25 20.88 3.03
C GLY A 52 10.52 22.16 3.33
N SER A 53 9.48 22.42 2.59
CA SER A 53 8.72 23.69 2.66
C SER A 53 7.88 23.74 3.94
N TRP A 54 7.54 24.95 4.36
CA TRP A 54 6.68 25.16 5.55
C TRP A 54 7.40 24.53 6.77
N ALA A 55 8.70 24.64 6.83
CA ALA A 55 9.51 23.98 7.86
C ALA A 55 10.82 24.75 7.98
N THR A 56 11.50 24.54 9.08
CA THR A 56 12.85 25.04 9.35
C THR A 56 13.74 23.84 9.72
N ALA A 57 15.01 24.12 9.98
CA ALA A 57 15.94 23.06 10.45
C ALA A 57 15.41 22.41 11.73
N GLY A 58 14.59 23.12 12.52
CA GLY A 58 13.97 22.61 13.75
C GLY A 58 13.07 21.41 13.53
N PHE A 59 12.63 21.21 12.31
CA PHE A 59 11.83 20.02 11.94
C PHE A 59 12.52 18.77 12.45
N TRP A 60 13.85 18.71 12.34
CA TRP A 60 14.66 17.52 12.64
C TRP A 60 15.03 17.38 14.11
N ASP A 61 14.56 18.27 15.00
CA ASP A 61 15.17 18.29 16.36
C ASP A 61 15.10 16.91 17.02
N GLU A 62 13.93 16.34 17.07
CA GLU A 62 13.73 15.08 17.87
C GLU A 62 14.42 13.92 17.16
N THR A 63 14.20 13.79 15.89
CA THR A 63 14.77 12.67 15.12
C THR A 63 16.27 12.75 15.07
N ALA A 64 16.83 13.95 14.88
CA ALA A 64 18.30 14.08 14.91
C ALA A 64 18.88 13.68 16.29
N SER A 65 18.20 14.07 17.33
CA SER A 65 18.64 13.72 18.71
C SER A 65 18.67 12.19 18.84
N GLU A 66 17.67 11.49 18.32
CA GLU A 66 17.64 10.00 18.40
C GLU A 66 18.73 9.39 17.52
N LEU A 67 19.00 9.93 16.35
CA LEU A 67 20.12 9.45 15.52
C LEU A 67 21.44 9.62 16.24
N ARG A 68 21.63 10.73 16.95
CA ARG A 68 22.90 10.96 17.66
C ARG A 68 23.05 9.92 18.80
N LYS A 69 21.95 9.55 19.44
CA LYS A 69 22.00 8.54 20.53
C LYS A 69 22.44 7.20 19.97
N LEU A 70 22.19 6.88 18.70
CA LEU A 70 22.62 5.63 18.04
C LEU A 70 24.08 5.73 17.60
N GLY A 71 24.75 6.86 17.80
CA GLY A 71 26.17 7.01 17.48
C GLY A 71 26.43 7.72 16.16
N HIS A 72 25.39 8.15 15.46
CA HIS A 72 25.53 8.81 14.15
C HIS A 72 25.80 10.32 14.33
N THR A 73 26.48 10.88 13.35
CA THR A 73 26.74 12.32 13.26
C THR A 73 25.63 12.94 12.38
N VAL A 74 25.02 13.99 12.88
CA VAL A 74 23.84 14.55 12.17
C VAL A 74 24.00 16.06 12.02
N TYR A 75 23.95 16.55 10.81
CA TYR A 75 23.96 17.99 10.47
C TYR A 75 22.57 18.37 9.96
N THR A 76 21.98 19.42 10.47
CA THR A 76 20.66 19.93 10.05
C THR A 76 20.78 21.41 9.64
N PRO A 77 21.36 21.68 8.48
CA PRO A 77 21.56 23.07 8.07
C PRO A 77 20.24 23.77 7.82
N GLU A 78 20.24 25.06 8.09
CA GLU A 78 19.19 25.94 7.56
C GLU A 78 19.65 26.44 6.17
N TYR A 79 18.70 26.86 5.35
CA TYR A 79 19.01 27.29 3.99
C TYR A 79 18.32 28.62 3.66
N ALA A 80 18.69 29.17 2.52
CA ALA A 80 18.34 30.55 2.15
C ALA A 80 16.82 30.74 2.18
N GLY A 81 16.41 31.89 2.72
CA GLY A 81 15.00 32.28 2.77
C GLY A 81 14.16 31.49 3.74
N HIS A 82 14.81 30.67 4.57
CA HIS A 82 14.13 29.83 5.57
C HIS A 82 14.78 30.06 6.92
N GLY A 83 14.07 29.68 7.95
CA GLY A 83 14.51 30.00 9.33
C GLY A 83 14.55 31.49 9.52
N ALA A 84 15.58 31.99 10.12
CA ALA A 84 15.70 33.42 10.39
C ALA A 84 16.07 34.19 9.13
N ASP A 85 16.47 33.57 8.03
CA ASP A 85 16.90 34.31 6.79
C ASP A 85 15.66 34.77 6.01
N LYS A 86 15.25 36.05 6.06
CA LYS A 86 14.01 36.56 5.45
C LYS A 86 14.30 36.93 4.01
N ASN A 87 13.70 36.18 3.10
CA ASN A 87 13.83 36.50 1.66
C ASN A 87 12.67 35.86 0.91
N ASN A 88 11.57 36.60 0.81
CA ASN A 88 10.37 36.12 0.09
C ASN A 88 10.65 35.87 -1.38
N ASN A 89 11.73 36.41 -1.91
CA ASN A 89 12.08 36.26 -3.33
C ASN A 89 13.23 35.31 -3.56
N VAL A 90 13.54 34.49 -2.56
CA VAL A 90 14.62 33.48 -2.69
C VAL A 90 14.37 32.56 -3.87
N THR A 91 15.48 32.16 -4.54
CA THR A 91 15.45 31.23 -5.66
C THR A 91 15.98 29.85 -5.28
N HIS A 92 15.67 28.88 -6.12
CA HIS A 92 16.21 27.51 -5.91
C HIS A 92 17.74 27.53 -5.97
N GLU A 93 18.32 28.34 -6.84
CA GLU A 93 19.80 28.43 -6.93
C GLU A 93 20.36 28.96 -5.61
N GLN A 94 19.73 29.96 -5.02
CA GLN A 94 20.24 30.53 -3.76
C GLN A 94 20.12 29.48 -2.65
N ILE A 95 19.01 28.74 -2.59
CA ILE A 95 18.86 27.66 -1.56
C ILE A 95 19.97 26.65 -1.79
N THR A 96 20.18 26.19 -2.99
CA THR A 96 21.15 25.14 -3.32
C THR A 96 22.53 25.63 -2.91
N LYS A 97 22.88 26.88 -3.25
CA LYS A 97 24.20 27.42 -2.93
C LYS A 97 24.35 27.50 -1.44
N SER A 98 23.33 27.86 -0.70
CA SER A 98 23.50 27.93 0.79
C SER A 98 23.83 26.55 1.38
N VAL A 99 23.26 25.49 0.85
CA VAL A 99 23.56 24.13 1.36
C VAL A 99 24.91 23.67 0.89
N VAL A 100 25.26 23.93 -0.36
CA VAL A 100 26.62 23.56 -0.87
C VAL A 100 27.67 24.31 -0.05
N ASP A 101 27.45 25.58 0.23
CA ASP A 101 28.45 26.36 1.02
C ASP A 101 28.56 25.79 2.42
N TYR A 102 27.47 25.36 3.04
CA TYR A 102 27.52 24.77 4.40
C TYR A 102 28.38 23.52 4.35
N ILE A 103 28.17 22.65 3.37
CA ILE A 103 28.92 21.38 3.19
C ILE A 103 30.39 21.70 2.98
N LYS A 104 30.73 22.70 2.17
CA LYS A 104 32.14 22.99 1.84
C LYS A 104 32.80 23.60 3.07
N GLN A 105 32.11 24.44 3.79
CA GLN A 105 32.73 25.19 4.92
C GLN A 105 33.06 24.21 6.04
N LYS A 106 32.23 23.21 6.26
CA LYS A 106 32.50 22.17 7.27
C LYS A 106 33.31 21.04 6.66
N ASP A 107 33.68 21.08 5.38
CA ASP A 107 34.40 20.04 4.63
C ASP A 107 33.75 18.67 4.87
N LEU A 108 32.44 18.56 4.73
CA LEU A 108 31.74 17.29 5.02
C LEU A 108 31.97 16.35 3.87
N LYS A 109 32.20 15.06 4.15
CA LYS A 109 32.30 14.06 3.09
C LYS A 109 31.88 12.69 3.61
N ASP A 110 31.62 11.82 2.66
CA ASP A 110 31.18 10.44 2.86
C ASP A 110 29.93 10.43 3.73
N PHE A 111 28.96 11.28 3.38
CA PHE A 111 27.74 11.46 4.17
C PHE A 111 26.53 10.98 3.36
N ILE A 112 25.51 10.75 4.15
CA ILE A 112 24.14 10.43 3.64
C ILE A 112 23.41 11.74 3.48
N LEU A 113 23.03 12.11 2.27
CA LEU A 113 22.31 13.38 2.03
C LEU A 113 20.84 13.00 1.98
N LEU A 114 20.06 13.46 2.94
CA LEU A 114 18.64 13.04 3.10
C LEU A 114 17.76 14.25 3.01
N GLY A 115 16.75 14.22 2.17
CA GLY A 115 15.79 15.34 2.02
C GLY A 115 14.39 14.89 2.26
N HIS A 116 13.58 15.73 2.87
CA HIS A 116 12.13 15.56 3.09
C HIS A 116 11.38 16.53 2.22
N SER A 117 10.27 16.11 1.61
CA SER A 117 9.38 16.95 0.80
C SER A 117 10.16 17.78 -0.25
N PHE A 118 9.98 19.10 -0.30
CA PHE A 118 10.67 20.00 -1.24
C PHE A 118 12.16 19.77 -1.13
N GLY A 119 12.65 19.36 0.04
CA GLY A 119 14.03 19.00 0.23
C GLY A 119 14.56 17.93 -0.72
N GLY A 120 13.67 17.11 -1.29
CA GLY A 120 14.15 16.20 -2.36
C GLY A 120 14.71 16.94 -3.55
N SER A 121 14.10 18.05 -3.92
CA SER A 121 14.62 18.85 -5.04
C SER A 121 15.97 19.48 -4.70
N VAL A 122 16.16 19.84 -3.46
CA VAL A 122 17.41 20.43 -2.96
C VAL A 122 18.50 19.37 -2.91
N ILE A 123 18.22 18.16 -2.45
CA ILE A 123 19.27 17.14 -2.49
C ILE A 123 19.67 16.83 -3.93
N GLN A 124 18.71 16.88 -4.89
CA GLN A 124 19.09 16.68 -6.31
C GLN A 124 20.09 17.76 -6.74
N THR A 125 19.77 19.02 -6.54
CA THR A 125 20.59 20.10 -7.06
C THR A 125 21.89 20.21 -6.30
N VAL A 126 21.89 19.88 -5.02
CA VAL A 126 23.14 19.85 -4.24
C VAL A 126 24.07 18.75 -4.72
N SER A 127 23.52 17.56 -4.96
CA SER A 127 24.33 16.41 -5.40
C SER A 127 25.00 16.70 -6.72
N GLN A 128 24.44 17.58 -7.56
CA GLN A 128 25.08 17.95 -8.88
C GLN A 128 26.39 18.65 -8.67
N GLN A 129 26.55 19.37 -7.58
CA GLN A 129 27.71 20.25 -7.33
C GLN A 129 28.75 19.57 -6.46
N VAL A 130 28.39 18.61 -5.60
CA VAL A 130 29.34 17.95 -4.67
C VAL A 130 29.21 16.45 -4.75
N PRO A 131 29.17 15.84 -5.95
CA PRO A 131 28.89 14.42 -6.03
C PRO A 131 29.90 13.51 -5.34
N ASP A 132 31.15 13.95 -5.33
CA ASP A 132 32.25 13.13 -4.78
C ASP A 132 32.16 13.15 -3.27
N ARG A 133 31.32 13.98 -2.64
CA ARG A 133 31.21 14.07 -1.16
C ARG A 133 30.12 13.12 -0.61
N ILE A 134 29.30 12.54 -1.46
CA ILE A 134 28.04 11.90 -1.03
C ILE A 134 28.16 10.37 -1.11
N LYS A 135 27.89 9.72 0.01
CA LYS A 135 27.85 8.24 0.08
C LYS A 135 26.55 7.68 -0.54
N ARG A 136 25.42 8.30 -0.22
CA ARG A 136 24.07 7.80 -0.59
C ARG A 136 23.12 8.97 -0.46
N ILE A 137 22.12 9.00 -1.33
CA ILE A 137 21.08 10.05 -1.34
C ILE A 137 19.77 9.41 -0.92
N VAL A 138 19.12 9.93 0.10
CA VAL A 138 17.88 9.36 0.65
C VAL A 138 16.76 10.36 0.46
N PHE A 139 15.75 9.96 -0.25
CA PHE A 139 14.51 10.74 -0.41
C PHE A 139 13.52 10.25 0.61
N PHE A 140 13.13 11.04 1.56
CA PHE A 140 12.19 10.73 2.66
C PHE A 140 10.89 11.45 2.42
N ASP A 141 9.88 10.78 1.85
CA ASP A 141 8.58 11.42 1.57
C ASP A 141 8.89 12.74 0.84
N ALA A 142 9.69 12.61 -0.20
CA ALA A 142 10.28 13.73 -0.90
C ALA A 142 9.93 13.72 -2.38
N PHE A 143 9.93 14.89 -2.96
CA PHE A 143 9.75 15.05 -4.41
C PHE A 143 11.05 14.74 -5.11
N ALA A 144 10.96 14.16 -6.29
CA ALA A 144 12.11 13.90 -7.17
C ALA A 144 11.72 14.33 -8.57
N PRO A 145 11.60 15.64 -8.84
CA PRO A 145 11.23 16.05 -10.19
C PRO A 145 12.20 15.43 -11.20
N LEU A 146 11.66 15.20 -12.40
CA LEU A 146 12.53 14.89 -13.56
C LEU A 146 13.13 16.18 -14.10
N ASP A 147 14.11 16.04 -14.98
CA ASP A 147 14.71 17.19 -15.69
C ASP A 147 13.63 18.03 -16.36
N GLY A 148 13.73 19.35 -16.20
CA GLY A 148 12.79 20.31 -16.78
C GLY A 148 11.49 20.49 -16.05
N GLN A 149 11.29 19.82 -14.92
CA GLN A 149 10.07 19.94 -14.11
C GLN A 149 10.35 20.73 -12.84
N SER A 150 9.30 21.32 -12.30
CA SER A 150 9.29 21.96 -10.97
C SER A 150 8.74 21.01 -9.91
N VAL A 151 8.87 21.43 -8.65
CA VAL A 151 8.20 20.72 -7.55
C VAL A 151 6.68 20.84 -7.69
N ALA A 152 6.19 22.02 -8.02
CA ALA A 152 4.73 22.24 -8.17
C ALA A 152 4.17 21.37 -9.31
N ASP A 153 4.96 21.11 -10.33
CA ASP A 153 4.56 20.27 -11.48
C ASP A 153 4.18 18.87 -10.99
N GLN A 154 4.66 18.40 -9.85
CA GLN A 154 4.39 17.02 -9.41
C GLN A 154 2.99 16.85 -8.88
N PHE A 155 2.29 17.95 -8.58
CA PHE A 155 0.98 17.84 -7.92
C PHE A 155 -0.15 17.57 -8.91
N PRO A 156 -1.27 17.02 -8.42
CA PRO A 156 -2.50 16.99 -9.23
C PRO A 156 -2.87 18.42 -9.63
N ALA A 157 -3.56 18.57 -10.77
CA ALA A 157 -3.90 19.89 -11.32
C ALA A 157 -4.64 20.77 -10.29
N GLU A 158 -5.52 20.17 -9.51
CA GLU A 158 -6.39 20.94 -8.55
C GLU A 158 -5.48 21.52 -7.44
N SER A 159 -4.54 20.71 -6.92
CA SER A 159 -3.59 21.17 -5.87
C SER A 159 -2.68 22.24 -6.48
N LEU A 160 -2.18 22.07 -7.68
CA LEU A 160 -1.31 23.06 -8.28
C LEU A 160 -2.03 24.41 -8.40
N LYS A 161 -3.26 24.39 -8.89
CA LYS A 161 -4.05 25.65 -8.99
C LYS A 161 -4.22 26.28 -7.60
N SER A 162 -4.51 25.51 -6.58
CA SER A 162 -4.70 25.95 -5.18
C SER A 162 -3.42 26.65 -4.70
N PHE A 163 -2.23 26.09 -4.96
CA PHE A 163 -0.95 26.71 -4.55
C PHE A 163 -0.74 28.01 -5.32
N GLU A 164 -1.08 28.06 -6.62
CA GLU A 164 -0.93 29.28 -7.44
C GLU A 164 -1.85 30.36 -6.83
N GLN A 165 -3.05 29.97 -6.44
CA GLN A 165 -4.04 30.93 -5.86
C GLN A 165 -3.54 31.44 -4.52
N LEU A 166 -3.00 30.58 -3.66
CA LEU A 166 -2.43 31.00 -2.36
C LEU A 166 -1.25 31.92 -2.59
N ARG A 167 -0.37 31.65 -3.53
CA ARG A 167 0.79 32.51 -3.83
C ARG A 167 0.27 33.89 -4.23
N ASP A 168 -0.70 33.90 -5.12
CA ASP A 168 -1.20 35.19 -5.65
C ASP A 168 -1.93 35.94 -4.53
N ALA A 169 -2.70 35.28 -3.69
CA ALA A 169 -3.51 35.93 -2.64
C ALA A 169 -2.57 36.59 -1.62
N SER A 170 -1.37 36.10 -1.44
CA SER A 170 -0.47 36.58 -0.38
C SER A 170 -0.08 38.02 -0.66
N GLY A 171 0.04 38.34 -1.95
CA GLY A 171 0.59 39.62 -2.40
C GLY A 171 2.06 39.81 -2.03
N ASN A 172 2.78 38.79 -1.53
CA ASN A 172 4.20 38.93 -1.17
C ASN A 172 4.99 37.67 -1.58
N ASN A 173 4.44 36.89 -2.52
CA ASN A 173 5.19 35.73 -3.06
C ASN A 173 5.38 34.67 -1.99
N THR A 174 4.40 34.46 -1.13
CA THR A 174 4.48 33.37 -0.14
C THR A 174 3.22 32.53 -0.21
N ILE A 175 3.35 31.28 0.26
CA ILE A 175 2.20 30.39 0.39
C ILE A 175 2.08 30.00 1.84
N THR A 176 0.92 30.32 2.41
CA THR A 176 0.56 29.88 3.77
C THR A 176 -0.44 28.75 3.63
N LEU A 177 -0.13 27.58 4.15
CA LEU A 177 -1.06 26.47 4.10
C LEU A 177 -2.26 26.78 4.98
N PRO A 178 -3.51 26.65 4.53
CA PRO A 178 -4.66 26.78 5.43
C PRO A 178 -4.59 25.68 6.48
N PHE A 179 -5.09 25.92 7.68
CA PHE A 179 -4.98 24.93 8.76
C PHE A 179 -5.82 23.70 8.43
N PRO A 180 -7.04 23.78 7.88
CA PRO A 180 -7.79 22.54 7.67
C PRO A 180 -7.04 21.60 6.73
N LEU A 181 -6.47 22.08 5.65
CA LEU A 181 -5.62 21.33 4.70
C LEU A 181 -4.44 20.77 5.45
N PHE A 182 -3.73 21.54 6.20
CA PHE A 182 -2.59 21.08 6.98
C PHE A 182 -2.99 19.97 7.94
N ARG A 183 -4.04 20.22 8.69
CA ARG A 183 -4.45 19.28 9.78
C ARG A 183 -4.77 17.93 9.16
N ASP A 184 -5.52 17.94 8.09
CA ASP A 184 -6.06 16.69 7.50
C ASP A 184 -5.13 16.04 6.48
N THR A 185 -4.12 16.71 5.95
CA THR A 185 -3.28 16.09 4.91
C THR A 185 -1.80 16.17 5.19
N PHE A 186 -1.31 16.98 6.13
CA PHE A 186 0.11 17.01 6.51
C PHE A 186 0.35 16.29 7.84
N VAL A 187 -0.62 16.46 8.75
CA VAL A 187 -0.53 15.86 10.12
C VAL A 187 -1.80 15.03 10.42
N ASN A 188 -2.29 14.31 9.43
CA ASN A 188 -3.53 13.52 9.55
C ASN A 188 -3.47 12.53 10.71
N THR A 189 -2.34 12.05 11.16
CA THR A 189 -2.30 11.06 12.28
C THR A 189 -2.13 11.76 13.63
N ALA A 190 -1.96 13.07 13.66
CA ALA A 190 -1.82 13.82 14.92
C ALA A 190 -3.18 14.08 15.56
N SER A 191 -3.14 14.28 16.89
CA SER A 191 -4.30 14.85 17.60
C SER A 191 -4.46 16.31 17.18
N LEU A 192 -5.59 16.91 17.48
CA LEU A 192 -5.79 18.34 17.17
C LEU A 192 -4.78 19.19 17.92
N ALA A 193 -4.49 18.91 19.18
CA ALA A 193 -3.54 19.75 19.95
C ALA A 193 -2.16 19.64 19.33
N GLN A 194 -1.76 18.46 18.91
CA GLN A 194 -0.46 18.26 18.22
C GLN A 194 -0.46 19.03 16.88
N ALA A 195 -1.53 18.89 16.14
CA ALA A 195 -1.67 19.57 14.86
C ALA A 195 -1.50 21.08 14.99
N GLN A 196 -2.14 21.62 16.03
CA GLN A 196 -2.06 23.09 16.27
C GLN A 196 -0.62 23.44 16.59
N ALA A 197 0.04 22.68 17.44
CA ALA A 197 1.44 22.97 17.82
C ALA A 197 2.32 22.91 16.58
N PHE A 198 2.14 21.92 15.72
CA PHE A 198 2.96 21.75 14.51
C PHE A 198 2.63 22.84 13.49
N TYR A 199 1.39 23.32 13.42
CA TYR A 199 1.01 24.40 12.49
C TYR A 199 1.72 25.69 12.89
N LYS A 200 1.86 25.91 14.19
CA LYS A 200 2.56 27.13 14.67
C LYS A 200 4.02 27.08 14.20
N GLN A 201 4.60 25.91 13.96
CA GLN A 201 5.98 25.71 13.50
C GLN A 201 6.07 25.56 11.99
N ALA A 202 5.03 25.85 11.23
CA ALA A 202 4.98 25.72 9.77
C ALA A 202 4.87 27.11 9.14
N PRO A 203 5.99 27.80 8.92
CA PRO A 203 5.92 29.19 8.43
C PRO A 203 5.52 29.27 6.98
N PRO A 204 5.06 30.44 6.54
CA PRO A 204 4.79 30.63 5.11
C PRO A 204 6.01 30.32 4.28
N GLU A 205 5.80 29.84 3.09
CA GLU A 205 6.87 29.39 2.19
C GLU A 205 7.10 30.42 1.10
N PRO A 206 8.35 30.87 0.91
CA PRO A 206 8.68 31.67 -0.29
C PRO A 206 8.42 30.86 -1.55
N ALA A 207 7.67 31.40 -2.52
CA ALA A 207 7.04 30.53 -3.51
C ALA A 207 7.94 30.25 -4.71
N THR A 208 8.87 31.10 -5.07
CA THR A 208 9.59 30.94 -6.36
C THR A 208 10.20 29.55 -6.52
N PRO A 209 10.90 28.99 -5.51
CA PRO A 209 11.59 27.73 -5.72
C PRO A 209 10.63 26.57 -5.99
N LEU A 210 9.40 26.68 -5.59
CA LEU A 210 8.42 25.58 -5.82
C LEU A 210 8.01 25.53 -7.29
N PHE A 211 8.09 26.64 -8.00
CA PHE A 211 7.57 26.74 -9.39
C PHE A 211 8.69 26.81 -10.41
N GLU A 212 9.96 26.91 -10.02
CA GLU A 212 11.08 26.96 -10.99
C GLU A 212 11.31 25.58 -11.61
N LYS A 213 11.48 25.57 -12.92
CA LYS A 213 11.90 24.37 -13.67
C LYS A 213 13.34 24.04 -13.34
N LEU A 214 13.65 22.79 -12.99
CA LEU A 214 15.01 22.44 -12.59
C LEU A 214 15.76 21.71 -13.68
N ASP A 215 17.01 22.10 -13.89
CA ASP A 215 17.94 21.38 -14.76
C ASP A 215 18.60 20.28 -13.94
N LEU A 216 18.21 19.03 -14.20
CA LEU A 216 18.59 17.87 -13.39
C LEU A 216 19.25 16.77 -14.23
N LYS A 217 19.79 17.14 -15.39
CA LYS A 217 20.52 16.18 -16.24
C LYS A 217 21.69 15.57 -15.47
N LYS A 218 22.44 16.41 -14.74
CA LYS A 218 23.61 15.90 -14.02
C LYS A 218 23.12 14.89 -12.97
N PHE A 219 22.10 15.26 -12.17
CA PHE A 219 21.58 14.36 -11.12
C PHE A 219 21.25 12.98 -11.69
N TYR A 220 20.55 12.98 -12.82
CA TYR A 220 20.09 11.70 -13.44
C TYR A 220 21.24 10.97 -14.14
N SER A 221 22.45 11.52 -14.24
CA SER A 221 23.63 10.77 -14.73
C SER A 221 24.48 10.25 -13.58
N LEU A 222 24.26 10.68 -12.34
CA LEU A 222 25.10 10.32 -11.17
C LEU A 222 24.96 8.84 -10.86
N GLN A 223 26.05 8.21 -10.44
CA GLN A 223 26.08 6.76 -10.11
C GLN A 223 25.89 6.54 -8.59
N ILE A 224 25.50 7.55 -7.86
CA ILE A 224 25.45 7.50 -6.39
C ILE A 224 24.21 6.67 -6.00
N PRO A 225 24.35 5.76 -5.05
CA PRO A 225 23.20 4.96 -4.63
C PRO A 225 22.09 5.82 -4.01
N LYS A 226 20.86 5.44 -4.27
CA LYS A 226 19.67 6.14 -3.77
C LYS A 226 18.80 5.22 -2.97
N SER A 227 18.09 5.80 -2.01
CA SER A 227 17.01 5.16 -1.26
C SER A 227 15.80 6.04 -1.22
N TYR A 228 14.65 5.43 -1.04
CA TYR A 228 13.40 6.15 -0.82
C TYR A 228 12.78 5.59 0.42
N LEU A 229 12.58 6.45 1.43
CA LEU A 229 11.94 6.14 2.71
C LEU A 229 10.53 6.70 2.66
N TYR A 230 9.52 5.83 2.73
CA TYR A 230 8.11 6.17 2.56
C TYR A 230 7.31 5.83 3.76
N LEU A 231 6.54 6.76 4.27
CA LEU A 231 5.57 6.50 5.34
C LEU A 231 4.17 6.41 4.74
N THR A 232 3.45 5.33 5.07
CA THR A 232 2.29 4.95 4.24
C THR A 232 1.04 5.81 4.47
N GLU A 233 1.01 6.69 5.48
CA GLU A 233 -0.11 7.61 5.65
C GLU A 233 0.32 9.03 5.22
N ASP A 234 1.40 9.16 4.46
CA ASP A 234 1.82 10.53 4.02
C ASP A 234 0.98 10.92 2.81
N THR A 235 0.16 11.93 2.99
CA THR A 235 -0.80 12.43 2.00
C THR A 235 -0.51 13.91 1.67
N ALA A 236 0.69 14.42 1.93
CA ALA A 236 0.94 15.84 1.65
C ALA A 236 0.78 16.08 0.18
N ILE A 237 1.16 15.14 -0.66
CA ILE A 237 0.64 15.05 -2.04
C ILE A 237 -0.35 13.90 -1.99
N PRO A 238 -1.53 14.04 -2.58
CA PRO A 238 -2.54 12.99 -2.47
C PRO A 238 -2.05 11.63 -2.96
N GLN A 239 -2.40 10.56 -2.27
CA GLN A 239 -2.10 9.22 -2.74
C GLN A 239 -2.94 8.86 -3.98
N GLY A 240 -2.29 8.16 -4.88
CA GLY A 240 -2.86 7.93 -6.22
C GLY A 240 -1.77 8.16 -7.25
N PRO A 241 -2.16 8.48 -8.49
CA PRO A 241 -1.22 8.61 -9.59
C PRO A 241 -0.12 9.66 -9.40
N TYR A 242 -0.31 10.59 -8.48
CA TYR A 242 0.68 11.64 -8.23
C TYR A 242 1.41 11.43 -6.90
N GLY A 243 1.16 10.37 -6.18
CA GLY A 243 1.66 10.22 -4.81
C GLY A 243 3.15 10.05 -4.67
N PHE A 244 3.69 10.17 -3.46
CA PHE A 244 5.12 9.96 -3.17
C PHE A 244 5.58 8.59 -3.57
N HIS A 245 4.79 7.54 -3.35
CA HIS A 245 5.23 6.17 -3.67
C HIS A 245 4.03 5.41 -4.18
N PRO A 246 4.07 4.74 -5.35
CA PRO A 246 5.27 4.57 -6.17
C PRO A 246 5.57 5.68 -7.18
N THR A 247 4.79 6.73 -7.30
CA THR A 247 5.03 7.70 -8.38
C THR A 247 6.31 8.49 -8.21
N GLN A 248 6.50 9.25 -7.15
CA GLN A 248 7.75 10.05 -7.02
C GLN A 248 8.95 9.11 -6.91
N SER A 249 8.87 8.05 -6.13
CA SER A 249 10.02 7.16 -5.94
C SER A 249 10.42 6.56 -7.27
N SER A 250 9.49 6.25 -8.16
CA SER A 250 9.85 5.62 -9.45
C SER A 250 10.73 6.54 -10.27
N HIS A 251 10.73 7.85 -10.08
CA HIS A 251 11.60 8.76 -10.85
C HIS A 251 13.05 8.45 -10.58
N LEU A 252 13.43 7.78 -9.49
CA LEU A 252 14.84 7.50 -9.14
C LEU A 252 15.43 6.39 -9.99
N GLY A 253 14.62 5.57 -10.62
CA GLY A 253 15.13 4.41 -11.34
C GLY A 253 15.34 3.28 -10.34
N VAL A 254 16.56 2.81 -10.18
CA VAL A 254 16.92 1.76 -9.22
C VAL A 254 17.18 2.45 -7.88
N PHE A 255 16.52 1.99 -6.84
CA PHE A 255 16.72 2.57 -5.49
C PHE A 255 16.36 1.53 -4.46
N ARG A 256 16.76 1.78 -3.23
CA ARG A 256 16.38 0.96 -2.08
C ARG A 256 15.14 1.51 -1.41
N PHE A 257 14.07 0.74 -1.45
CA PHE A 257 12.81 1.11 -0.84
C PHE A 257 12.76 0.67 0.60
N ILE A 258 12.40 1.58 1.51
CA ILE A 258 12.16 1.30 2.94
C ILE A 258 10.83 1.91 3.34
N GLU A 259 9.96 1.14 3.94
CA GLU A 259 8.61 1.56 4.31
C GLU A 259 8.48 1.68 5.81
N GLY A 260 7.73 2.66 6.24
CA GLY A 260 7.33 2.82 7.63
C GLY A 260 5.94 3.34 7.79
N LYS A 261 5.54 3.47 9.04
CA LYS A 261 4.21 3.98 9.42
C LYS A 261 4.34 5.42 9.87
N GLY A 262 3.53 6.28 9.29
CA GLY A 262 3.44 7.68 9.67
C GLY A 262 2.95 8.58 8.57
N ASP A 263 3.09 9.87 8.82
CA ASP A 263 2.55 10.91 7.89
C ASP A 263 3.62 11.97 7.63
N HIS A 264 3.25 13.05 6.98
CA HIS A 264 4.26 14.00 6.51
C HIS A 264 4.98 14.71 7.63
N MET A 265 4.28 15.23 8.61
CA MET A 265 4.94 16.12 9.62
C MET A 265 4.69 15.73 11.07
N THR A 266 3.92 14.70 11.39
CA THR A 266 3.73 14.31 12.82
C THR A 266 4.90 13.43 13.27
N THR A 267 5.20 12.42 12.49
CA THR A 267 5.94 11.24 12.98
C THR A 267 7.36 11.57 13.35
N VAL A 268 7.98 12.50 12.65
CA VAL A 268 9.37 12.88 13.03
C VAL A 268 9.40 13.52 14.40
N ARG A 269 8.26 14.03 14.89
CA ARG A 269 8.17 14.63 16.26
C ARG A 269 7.71 13.60 17.25
N THR A 270 6.75 12.75 16.92
CA THR A 270 6.10 11.86 17.93
C THR A 270 6.82 10.53 18.04
N GLU A 271 7.45 10.03 16.99
CA GLU A 271 8.10 8.72 16.98
C GLU A 271 9.50 8.87 16.49
N PRO A 272 10.34 9.71 17.11
CA PRO A 272 11.66 9.99 16.58
C PRO A 272 12.59 8.79 16.64
N LYS A 273 12.47 7.90 17.65
CA LYS A 273 13.36 6.75 17.70
C LYS A 273 13.07 5.81 16.53
N MET A 274 11.79 5.57 16.28
CA MET A 274 11.40 4.75 15.12
C MET A 274 11.87 5.39 13.80
N MET A 275 11.75 6.70 13.69
CA MET A 275 12.20 7.39 12.48
C MET A 275 13.69 7.31 12.29
N ALA A 276 14.46 7.48 13.36
CA ALA A 276 15.93 7.33 13.30
C ALA A 276 16.27 5.94 12.81
N GLU A 277 15.60 4.92 13.32
CA GLU A 277 15.88 3.54 12.88
C GLU A 277 15.57 3.37 11.39
N LEU A 278 14.49 3.95 10.93
CA LEU A 278 14.16 3.88 9.50
C LEU A 278 15.18 4.60 8.63
N MET A 279 15.69 5.73 9.12
CA MET A 279 16.69 6.49 8.36
C MET A 279 17.99 5.72 8.29
N VAL A 280 18.36 4.97 9.36
CA VAL A 280 19.55 4.09 9.26
C VAL A 280 19.28 2.98 8.27
N LYS A 281 18.10 2.38 8.29
CA LYS A 281 17.78 1.29 7.33
C LYS A 281 17.83 1.76 5.87
N ALA A 282 17.50 3.05 5.63
CA ALA A 282 17.53 3.64 4.30
C ALA A 282 18.95 4.12 3.93
N GLY A 283 19.75 4.52 4.94
CA GLY A 283 21.05 5.16 4.70
C GLY A 283 22.25 4.23 4.76
N ARG A 284 22.14 3.08 5.42
CA ARG A 284 23.27 2.18 5.65
C ARG A 284 23.74 1.58 4.37
N ASP A 285 25.00 1.15 4.32
CA ASP A 285 25.49 0.38 3.15
C ASP A 285 24.72 -0.97 2.92
N THR B 43 -11.50 14.02 24.20
CA THR B 43 -12.86 14.56 24.54
C THR B 43 -13.96 13.65 23.96
N PRO B 44 -15.16 13.64 24.56
CA PRO B 44 -16.17 12.65 24.17
C PRO B 44 -16.65 12.94 22.74
N LEU B 45 -16.87 11.87 21.99
CA LEU B 45 -17.42 11.91 20.61
C LEU B 45 -18.75 11.17 20.55
N THR B 46 -19.58 11.56 19.62
CA THR B 46 -20.82 10.84 19.27
C THR B 46 -20.69 10.31 17.86
N PHE B 47 -20.86 9.02 17.71
CA PHE B 47 -20.77 8.34 16.40
C PHE B 47 -22.16 7.82 16.01
N VAL B 48 -22.50 7.92 14.74
CA VAL B 48 -23.63 7.21 14.10
C VAL B 48 -23.00 6.33 13.04
N LEU B 49 -23.11 5.02 13.24
CA LEU B 49 -22.40 4.04 12.40
C LEU B 49 -23.40 3.41 11.44
N ILE B 50 -23.14 3.44 10.14
CA ILE B 50 -24.04 2.97 9.05
C ILE B 50 -23.39 1.79 8.36
N HIS B 51 -23.93 0.59 8.54
CA HIS B 51 -23.38 -0.61 7.89
C HIS B 51 -23.69 -0.58 6.38
N GLY B 52 -23.05 -1.48 5.67
CA GLY B 52 -23.22 -1.61 4.21
C GLY B 52 -24.02 -2.81 3.84
N SER B 53 -23.81 -3.32 2.64
CA SER B 53 -24.62 -4.42 2.11
C SER B 53 -24.19 -5.73 2.75
N TRP B 54 -25.07 -6.71 2.71
CA TRP B 54 -24.78 -8.05 3.27
C TRP B 54 -24.32 -7.86 4.72
N ALA B 55 -25.08 -7.03 5.46
CA ALA B 55 -24.77 -6.69 6.84
C ALA B 55 -26.03 -6.17 7.48
N THR B 56 -26.02 -6.17 8.80
CA THR B 56 -27.06 -5.55 9.65
C THR B 56 -26.35 -4.60 10.63
N ALA B 57 -27.13 -3.95 11.46
CA ALA B 57 -26.61 -3.06 12.51
C ALA B 57 -25.75 -3.89 13.47
N GLY B 58 -25.96 -5.19 13.59
CA GLY B 58 -25.13 -6.06 14.44
C GLY B 58 -23.71 -6.21 13.93
N PHE B 59 -23.41 -5.77 12.71
CA PHE B 59 -22.02 -5.71 12.22
C PHE B 59 -21.16 -4.96 13.23
N TRP B 60 -21.73 -3.93 13.86
CA TRP B 60 -20.97 -3.03 14.74
C TRP B 60 -20.92 -3.52 16.18
N ASP B 61 -21.45 -4.69 16.51
CA ASP B 61 -21.61 -4.99 17.97
C ASP B 61 -20.29 -4.88 18.73
N GLU B 62 -19.24 -5.52 18.25
CA GLU B 62 -17.98 -5.60 19.04
C GLU B 62 -17.29 -4.26 18.99
N THR B 63 -17.22 -3.62 17.84
CA THR B 63 -16.50 -2.32 17.73
C THR B 63 -17.24 -1.21 18.47
N ALA B 64 -18.57 -1.19 18.37
CA ALA B 64 -19.37 -0.20 19.10
C ALA B 64 -19.17 -0.37 20.63
N SER B 65 -19.11 -1.61 21.11
CA SER B 65 -18.82 -1.87 22.53
C SER B 65 -17.48 -1.23 22.89
N GLU B 66 -16.44 -1.44 22.08
CA GLU B 66 -15.12 -0.89 22.42
C GLU B 66 -15.12 0.61 22.32
N LEU B 67 -15.85 1.23 21.39
CA LEU B 67 -15.92 2.71 21.36
C LEU B 67 -16.64 3.24 22.61
N ARG B 68 -17.65 2.54 23.05
CA ARG B 68 -18.36 2.96 24.29
C ARG B 68 -17.45 2.83 25.51
N LYS B 69 -16.60 1.80 25.52
CA LYS B 69 -15.65 1.63 26.65
C LYS B 69 -14.66 2.77 26.66
N LEU B 70 -14.30 3.39 25.54
CA LEU B 70 -13.44 4.60 25.49
C LEU B 70 -14.21 5.81 25.99
N GLY B 71 -15.50 5.73 26.19
CA GLY B 71 -16.31 6.84 26.69
C GLY B 71 -17.11 7.54 25.60
N HIS B 72 -17.16 7.00 24.39
CA HIS B 72 -17.92 7.66 23.31
C HIS B 72 -19.37 7.18 23.28
N THR B 73 -20.22 8.00 22.76
CA THR B 73 -21.63 7.62 22.50
C THR B 73 -21.72 7.08 21.07
N VAL B 74 -22.38 5.95 20.95
CA VAL B 74 -22.42 5.24 19.64
C VAL B 74 -23.84 4.83 19.34
N TYR B 75 -24.34 5.20 18.18
CA TYR B 75 -25.64 4.75 17.65
C TYR B 75 -25.37 3.88 16.43
N THR B 76 -26.13 2.81 16.35
CA THR B 76 -26.00 1.81 15.25
C THR B 76 -27.38 1.54 14.65
N PRO B 77 -27.92 2.49 13.90
CA PRO B 77 -29.28 2.32 13.37
C PRO B 77 -29.34 1.18 12.35
N GLU B 78 -30.46 0.51 12.29
CA GLU B 78 -30.85 -0.35 11.18
C GLU B 78 -31.63 0.49 10.19
N TYR B 79 -31.67 0.06 8.95
CA TYR B 79 -32.33 0.86 7.90
C TYR B 79 -33.20 0.00 7.00
N ALA B 80 -33.97 0.68 6.16
CA ALA B 80 -35.01 0.02 5.37
C ALA B 80 -34.50 -1.15 4.52
N GLY B 81 -35.29 -2.20 4.46
CA GLY B 81 -34.96 -3.36 3.62
C GLY B 81 -33.86 -4.20 4.23
N HIS B 82 -33.33 -3.84 5.39
CA HIS B 82 -32.19 -4.52 6.02
C HIS B 82 -32.60 -4.96 7.42
N GLY B 83 -31.82 -5.83 8.01
CA GLY B 83 -32.08 -6.35 9.35
C GLY B 83 -33.42 -7.07 9.38
N ALA B 84 -34.35 -6.58 10.19
CA ALA B 84 -35.67 -7.21 10.35
C ALA B 84 -36.71 -6.61 9.42
N ASP B 85 -36.38 -5.62 8.58
CA ASP B 85 -37.34 -5.04 7.63
C ASP B 85 -37.25 -5.77 6.30
N LYS B 86 -38.23 -6.60 5.98
N LYS B 86 -38.26 -6.58 6.01
CA LYS B 86 -38.21 -7.39 4.73
CA LYS B 86 -38.29 -7.35 4.75
C LYS B 86 -38.84 -6.58 3.62
C LYS B 86 -38.85 -6.40 3.69
N ASN B 87 -38.01 -6.07 2.71
CA ASN B 87 -38.48 -5.31 1.54
C ASN B 87 -37.43 -5.44 0.44
N ASN B 88 -37.59 -6.47 -0.36
CA ASN B 88 -36.60 -6.73 -1.42
C ASN B 88 -36.70 -5.70 -2.53
N ASN B 89 -37.73 -4.86 -2.56
CA ASN B 89 -37.84 -3.75 -3.51
C ASN B 89 -37.49 -2.39 -2.94
N VAL B 90 -36.78 -2.39 -1.80
CA VAL B 90 -36.43 -1.10 -1.15
C VAL B 90 -35.60 -0.25 -2.09
N THR B 91 -35.69 1.08 -1.99
CA THR B 91 -34.91 2.02 -2.79
C THR B 91 -33.90 2.79 -1.94
N HIS B 92 -32.96 3.42 -2.59
CA HIS B 92 -31.93 4.22 -1.89
C HIS B 92 -32.65 5.32 -1.08
N GLU B 93 -33.65 5.98 -1.67
CA GLU B 93 -34.33 7.08 -0.96
C GLU B 93 -35.05 6.57 0.28
N GLN B 94 -35.61 5.36 0.30
CA GLN B 94 -36.25 4.75 1.49
C GLN B 94 -35.20 4.46 2.56
N ILE B 95 -34.04 3.95 2.17
CA ILE B 95 -32.95 3.71 3.12
C ILE B 95 -32.57 5.06 3.72
N THR B 96 -32.32 6.04 2.89
CA THR B 96 -31.88 7.37 3.38
C THR B 96 -32.90 7.94 4.36
N LYS B 97 -34.18 7.87 4.00
CA LYS B 97 -35.23 8.38 4.87
C LYS B 97 -35.19 7.66 6.21
N SER B 98 -35.00 6.36 6.25
CA SER B 98 -35.02 5.60 7.51
C SER B 98 -33.88 6.09 8.42
N VAL B 99 -32.73 6.41 7.87
CA VAL B 99 -31.60 6.92 8.70
C VAL B 99 -31.89 8.35 9.14
N VAL B 100 -32.33 9.20 8.24
CA VAL B 100 -32.68 10.60 8.62
C VAL B 100 -33.77 10.58 9.68
N ASP B 101 -34.76 9.71 9.57
CA ASP B 101 -35.84 9.67 10.59
C ASP B 101 -35.25 9.26 11.93
N TYR B 102 -34.30 8.34 11.97
CA TYR B 102 -33.67 7.88 13.22
C TYR B 102 -32.94 9.03 13.89
N ILE B 103 -32.20 9.79 13.13
CA ILE B 103 -31.40 10.95 13.59
C ILE B 103 -32.35 12.00 14.13
N LYS B 104 -33.40 12.30 13.41
CA LYS B 104 -34.38 13.34 13.83
C LYS B 104 -35.08 12.88 15.10
N GLN B 105 -35.46 11.64 15.22
CA GLN B 105 -36.28 11.16 16.36
C GLN B 105 -35.45 11.29 17.64
N LYS B 106 -34.16 11.02 17.58
CA LYS B 106 -33.25 11.18 18.74
C LYS B 106 -32.76 12.63 18.84
N ASP B 107 -33.00 13.44 17.85
CA ASP B 107 -32.56 14.83 17.73
C ASP B 107 -31.04 14.91 17.94
N LEU B 108 -30.28 14.11 17.16
CA LEU B 108 -28.83 14.04 17.32
C LEU B 108 -28.17 15.20 16.60
N LYS B 109 -27.16 15.83 17.21
CA LYS B 109 -26.42 16.94 16.64
C LYS B 109 -24.94 16.72 16.92
N ASP B 110 -24.10 17.38 16.15
CA ASP B 110 -22.64 17.40 16.38
C ASP B 110 -22.04 16.00 16.40
N PHE B 111 -22.43 15.11 15.47
CA PHE B 111 -21.97 13.71 15.49
C PHE B 111 -21.11 13.41 14.28
N ILE B 112 -20.37 12.35 14.47
CA ILE B 112 -19.53 11.75 13.40
C ILE B 112 -20.39 10.74 12.67
N LEU B 113 -20.61 10.94 11.38
CA LEU B 113 -21.40 10.01 10.56
C LEU B 113 -20.43 9.13 9.82
N LEU B 114 -20.44 7.84 10.14
CA LEU B 114 -19.47 6.89 9.60
C LEU B 114 -20.21 5.82 8.83
N GLY B 115 -19.74 5.54 7.62
CA GLY B 115 -20.36 4.48 6.80
C GLY B 115 -19.32 3.50 6.33
N HIS B 116 -19.71 2.23 6.22
CA HIS B 116 -18.84 1.13 5.72
C HIS B 116 -19.47 0.61 4.44
N SER B 117 -18.66 0.47 3.40
N SER B 117 -18.62 0.19 3.52
CA SER B 117 -19.01 -0.14 2.09
CA SER B 117 -19.02 -0.29 2.17
C SER B 117 -20.18 0.62 1.37
C SER B 117 -20.18 0.56 1.55
N PHE B 118 -21.27 -0.06 1.04
CA PHE B 118 -22.48 0.62 0.47
C PHE B 118 -22.93 1.72 1.41
N GLY B 119 -22.67 1.62 2.71
CA GLY B 119 -22.95 2.70 3.65
C GLY B 119 -22.27 4.02 3.31
N GLY B 120 -21.18 4.05 2.55
CA GLY B 120 -20.67 5.34 2.06
C GLY B 120 -21.67 6.08 1.21
N SER B 121 -22.46 5.39 0.39
CA SER B 121 -23.48 6.09 -0.43
C SER B 121 -24.59 6.60 0.48
N VAL B 122 -24.91 5.86 1.54
CA VAL B 122 -25.94 6.29 2.52
C VAL B 122 -25.42 7.52 3.27
N ILE B 123 -24.20 7.54 3.75
CA ILE B 123 -23.76 8.74 4.49
C ILE B 123 -23.78 9.94 3.54
N GLN B 124 -23.50 9.73 2.26
CA GLN B 124 -23.56 10.89 1.32
C GLN B 124 -25.00 11.40 1.26
N THR B 125 -25.99 10.55 1.02
CA THR B 125 -27.36 11.03 0.84
C THR B 125 -27.95 11.52 2.16
N VAL B 126 -27.59 10.91 3.29
CA VAL B 126 -28.08 11.43 4.60
C VAL B 126 -27.47 12.80 4.84
N SER B 127 -26.19 12.98 4.57
CA SER B 127 -25.50 14.27 4.85
C SER B 127 -26.12 15.40 4.03
N GLN B 128 -26.68 15.12 2.86
CA GLN B 128 -27.39 16.15 2.02
C GLN B 128 -28.63 16.66 2.75
N GLN B 129 -29.27 15.86 3.59
CA GLN B 129 -30.56 16.18 4.24
C GLN B 129 -30.31 16.81 5.58
N VAL B 130 -29.32 16.39 6.34
CA VAL B 130 -29.08 16.91 7.73
C VAL B 130 -27.67 17.44 7.90
N PRO B 131 -27.19 18.31 7.00
CA PRO B 131 -25.77 18.70 7.04
C PRO B 131 -25.44 19.50 8.31
N ASP B 132 -26.45 20.18 8.87
CA ASP B 132 -26.29 21.04 10.05
C ASP B 132 -26.01 20.20 11.27
N ARG B 133 -26.26 18.90 11.22
CA ARG B 133 -26.15 18.01 12.40
C ARG B 133 -24.80 17.27 12.44
N ILE B 134 -23.99 17.39 11.40
CA ILE B 134 -22.84 16.47 11.21
C ILE B 134 -21.54 17.22 11.47
N LYS B 135 -20.74 16.72 12.35
CA LYS B 135 -19.37 17.26 12.64
C LYS B 135 -18.36 16.83 11.58
N ARG B 136 -18.40 15.57 11.14
CA ARG B 136 -17.38 14.96 10.27
C ARG B 136 -18.01 13.73 9.65
N ILE B 137 -17.68 13.44 8.39
CA ILE B 137 -18.17 12.25 7.68
C ILE B 137 -16.98 11.33 7.45
N VAL B 138 -17.09 10.11 7.95
CA VAL B 138 -16.02 9.11 7.83
C VAL B 138 -16.47 7.99 6.90
N PHE B 139 -15.69 7.77 5.87
CA PHE B 139 -15.85 6.63 4.93
C PHE B 139 -14.90 5.53 5.37
N PHE B 140 -15.41 4.40 5.80
CA PHE B 140 -14.59 3.26 6.30
C PHE B 140 -14.75 2.19 5.23
N ASP B 141 -13.73 2.00 4.42
CA ASP B 141 -13.72 0.97 3.34
C ASP B 141 -15.08 1.05 2.63
N ALA B 142 -15.41 2.26 2.20
CA ALA B 142 -16.73 2.63 1.71
C ALA B 142 -16.63 3.17 0.30
N PHE B 143 -17.74 3.03 -0.41
CA PHE B 143 -17.87 3.63 -1.74
C PHE B 143 -18.18 5.11 -1.57
N ALA B 144 -17.73 5.89 -2.52
CA ALA B 144 -18.06 7.33 -2.60
C ALA B 144 -18.42 7.63 -4.07
N PRO B 145 -19.58 7.18 -4.55
CA PRO B 145 -19.92 7.51 -5.93
C PRO B 145 -19.77 9.00 -6.17
N LEU B 146 -19.46 9.31 -7.44
CA LEU B 146 -19.50 10.71 -7.94
C LEU B 146 -20.94 11.03 -8.35
N ASP B 147 -21.20 12.32 -8.50
CA ASP B 147 -22.54 12.78 -8.93
C ASP B 147 -22.98 12.09 -10.23
N GLY B 148 -24.16 11.49 -10.24
CA GLY B 148 -24.76 10.78 -11.40
C GLY B 148 -24.37 9.33 -11.47
N GLN B 149 -23.59 8.82 -10.51
CA GLN B 149 -23.18 7.41 -10.49
C GLN B 149 -23.97 6.61 -9.45
N SER B 150 -24.00 5.32 -9.65
CA SER B 150 -24.42 4.32 -8.66
C SER B 150 -23.22 3.76 -7.91
N VAL B 151 -23.54 2.94 -6.91
CA VAL B 151 -22.54 2.08 -6.28
C VAL B 151 -21.99 1.07 -7.26
N ALA B 152 -22.86 0.42 -8.02
CA ALA B 152 -22.45 -0.59 -9.02
C ALA B 152 -21.50 0.03 -10.05
N ASP B 153 -21.65 1.30 -10.40
CA ASP B 153 -20.75 2.01 -11.33
C ASP B 153 -19.30 1.99 -10.83
N GLN B 154 -19.06 1.77 -9.51
CA GLN B 154 -17.70 1.75 -8.96
C GLN B 154 -16.98 0.44 -9.30
N PHE B 155 -17.69 -0.60 -9.71
CA PHE B 155 -17.07 -1.93 -9.90
C PHE B 155 -16.41 -2.07 -11.26
N PRO B 156 -15.34 -2.90 -11.33
CA PRO B 156 -14.83 -3.34 -12.61
C PRO B 156 -15.91 -4.09 -13.38
N ALA B 157 -15.79 -4.13 -14.71
CA ALA B 157 -16.77 -4.74 -15.65
C ALA B 157 -17.15 -6.16 -15.19
N GLU B 158 -16.20 -6.98 -14.79
CA GLU B 158 -16.46 -8.41 -14.49
C GLU B 158 -17.26 -8.51 -13.19
N SER B 159 -16.93 -7.70 -12.19
CA SER B 159 -17.66 -7.62 -10.91
C SER B 159 -19.07 -7.10 -11.12
N LEU B 160 -19.25 -6.06 -11.94
CA LEU B 160 -20.59 -5.55 -12.30
C LEU B 160 -21.38 -6.71 -12.89
N LYS B 161 -20.77 -7.44 -13.81
CA LYS B 161 -21.50 -8.52 -14.51
C LYS B 161 -21.94 -9.55 -13.46
N SER B 162 -21.04 -9.94 -12.60
CA SER B 162 -21.31 -10.93 -11.54
C SER B 162 -22.49 -10.47 -10.68
N PHE B 163 -22.56 -9.18 -10.32
CA PHE B 163 -23.63 -8.70 -9.43
C PHE B 163 -24.94 -8.64 -10.17
N GLU B 164 -24.96 -8.27 -11.46
CA GLU B 164 -26.20 -8.29 -12.27
C GLU B 164 -26.74 -9.73 -12.37
N GLN B 165 -25.82 -10.67 -12.56
CA GLN B 165 -26.17 -12.12 -12.71
C GLN B 165 -26.73 -12.64 -11.40
N LEU B 166 -26.09 -12.29 -10.27
CA LEU B 166 -26.65 -12.72 -8.96
C LEU B 166 -28.05 -12.13 -8.73
N ARG B 167 -28.25 -10.86 -9.04
CA ARG B 167 -29.56 -10.21 -8.90
C ARG B 167 -30.58 -10.95 -9.78
N ASP B 168 -30.22 -11.23 -11.02
CA ASP B 168 -31.18 -11.85 -11.97
C ASP B 168 -31.43 -13.32 -11.59
N ALA B 169 -30.42 -14.02 -11.07
CA ALA B 169 -30.58 -15.45 -10.66
C ALA B 169 -31.61 -15.59 -9.54
N SER B 170 -31.73 -14.58 -8.67
CA SER B 170 -32.54 -14.70 -7.45
C SER B 170 -34.02 -14.83 -7.78
N GLY B 171 -34.46 -14.15 -8.82
CA GLY B 171 -35.90 -14.03 -9.11
C GLY B 171 -36.67 -13.21 -8.10
N ASN B 172 -36.00 -12.53 -7.16
CA ASN B 172 -36.70 -11.69 -6.14
C ASN B 172 -35.91 -10.40 -5.89
N ASN B 173 -35.10 -9.96 -6.85
CA ASN B 173 -34.35 -8.69 -6.78
C ASN B 173 -33.41 -8.67 -5.57
N THR B 174 -32.77 -9.78 -5.29
CA THR B 174 -31.76 -9.81 -4.21
C THR B 174 -30.45 -10.36 -4.72
N ILE B 175 -29.36 -10.03 -4.02
CA ILE B 175 -28.01 -10.57 -4.30
C ILE B 175 -27.57 -11.35 -3.08
N THR B 176 -27.39 -12.67 -3.22
CA THR B 176 -26.78 -13.52 -2.17
C THR B 176 -25.33 -13.69 -2.54
N LEU B 177 -24.39 -13.25 -1.68
CA LEU B 177 -22.97 -13.47 -2.04
C LEU B 177 -22.71 -14.98 -1.97
N PRO B 178 -22.08 -15.56 -2.98
CA PRO B 178 -21.65 -16.96 -2.83
C PRO B 178 -20.67 -17.09 -1.67
N PHE B 179 -20.79 -18.11 -0.83
CA PHE B 179 -19.87 -18.23 0.31
C PHE B 179 -18.43 -18.31 -0.17
N PRO B 180 -18.05 -19.00 -1.26
CA PRO B 180 -16.61 -19.03 -1.62
C PRO B 180 -16.06 -17.63 -1.93
N LEU B 181 -16.83 -16.79 -2.59
CA LEU B 181 -16.46 -15.38 -2.88
C LEU B 181 -16.34 -14.63 -1.58
N PHE B 182 -17.34 -14.72 -0.74
CA PHE B 182 -17.32 -14.07 0.58
C PHE B 182 -16.06 -14.46 1.34
N ARG B 183 -15.85 -15.76 1.46
CA ARG B 183 -14.73 -16.28 2.29
C ARG B 183 -13.37 -15.75 1.82
N ASP B 184 -13.15 -15.64 0.53
CA ASP B 184 -11.82 -15.31 0.02
C ASP B 184 -11.67 -13.82 -0.32
N THR B 185 -12.77 -13.03 -0.35
CA THR B 185 -12.64 -11.58 -0.69
C THR B 185 -13.27 -10.65 0.31
N PHE B 186 -14.16 -11.09 1.19
CA PHE B 186 -14.79 -10.27 2.25
C PHE B 186 -14.12 -10.53 3.57
N VAL B 187 -13.80 -11.80 3.86
CA VAL B 187 -13.20 -12.22 5.16
C VAL B 187 -11.95 -13.04 4.85
N ASN B 188 -11.14 -12.55 3.92
CA ASN B 188 -9.87 -13.20 3.53
C ASN B 188 -8.95 -13.47 4.75
N THR B 189 -8.95 -12.60 5.76
CA THR B 189 -8.03 -12.78 6.90
C THR B 189 -8.63 -13.67 7.98
N ALA B 190 -9.87 -14.10 7.85
CA ALA B 190 -10.54 -14.93 8.86
C ALA B 190 -10.16 -16.40 8.65
N SER B 191 -10.22 -17.14 9.75
CA SER B 191 -10.28 -18.61 9.67
C SER B 191 -11.58 -19.07 9.04
N LEU B 192 -11.68 -20.34 8.64
CA LEU B 192 -12.89 -20.84 8.01
C LEU B 192 -14.02 -20.78 9.06
N ALA B 193 -13.78 -21.18 10.29
CA ALA B 193 -14.82 -21.15 11.35
C ALA B 193 -15.34 -19.72 11.54
N GLN B 194 -14.44 -18.74 11.54
CA GLN B 194 -14.85 -17.33 11.63
C GLN B 194 -15.65 -16.95 10.38
N ALA B 195 -15.17 -17.28 9.19
CA ALA B 195 -15.88 -16.96 7.94
C ALA B 195 -17.30 -17.52 7.98
N GLN B 196 -17.45 -18.76 8.45
CA GLN B 196 -18.79 -19.38 8.48
C GLN B 196 -19.66 -18.66 9.50
N ALA B 197 -19.12 -18.28 10.66
CA ALA B 197 -19.92 -17.53 11.67
C ALA B 197 -20.35 -16.19 11.04
N PHE B 198 -19.45 -15.48 10.38
CA PHE B 198 -19.72 -14.12 9.87
C PHE B 198 -20.70 -14.21 8.71
N TYR B 199 -20.62 -15.23 7.88
CA TYR B 199 -21.55 -15.39 6.74
C TYR B 199 -23.00 -15.53 7.26
N LYS B 200 -23.18 -16.08 8.46
CA LYS B 200 -24.54 -16.26 9.02
C LYS B 200 -25.17 -14.88 9.21
N GLN B 201 -24.35 -13.84 9.36
CA GLN B 201 -24.75 -12.45 9.65
C GLN B 201 -24.60 -11.58 8.39
N ALA B 202 -24.60 -12.20 7.21
CA ALA B 202 -24.43 -11.52 5.90
C ALA B 202 -25.63 -11.80 5.04
N PRO B 203 -26.81 -11.19 5.31
CA PRO B 203 -28.02 -11.57 4.60
C PRO B 203 -28.03 -11.12 3.15
N PRO B 204 -28.85 -11.77 2.31
CA PRO B 204 -29.06 -11.32 0.94
C PRO B 204 -29.43 -9.84 0.85
N GLU B 205 -28.90 -9.15 -0.15
CA GLU B 205 -29.00 -7.69 -0.29
C GLU B 205 -30.08 -7.35 -1.30
N PRO B 206 -31.05 -6.49 -0.94
CA PRO B 206 -31.97 -5.92 -1.93
C PRO B 206 -31.21 -5.15 -2.99
N ALA B 207 -31.45 -5.44 -4.27
CA ALA B 207 -30.48 -5.01 -5.29
C ALA B 207 -30.70 -3.57 -5.77
N THR B 208 -31.93 -3.05 -5.71
CA THR B 208 -32.19 -1.76 -6.36
C THR B 208 -31.25 -0.64 -5.92
N PRO B 209 -30.99 -0.44 -4.60
CA PRO B 209 -30.16 0.70 -4.22
C PRO B 209 -28.71 0.64 -4.69
N LEU B 210 -28.21 -0.54 -5.06
CA LEU B 210 -26.82 -0.69 -5.56
C LEU B 210 -26.70 -0.15 -6.98
N PHE B 211 -27.81 -0.13 -7.73
CA PHE B 211 -27.80 0.20 -9.18
C PHE B 211 -28.41 1.57 -9.46
N GLU B 212 -29.05 2.20 -8.48
CA GLU B 212 -29.64 3.56 -8.69
C GLU B 212 -28.56 4.60 -8.86
N LYS B 213 -28.72 5.46 -9.86
CA LYS B 213 -27.87 6.63 -10.02
C LYS B 213 -28.23 7.65 -8.95
N LEU B 214 -27.23 8.26 -8.31
CA LEU B 214 -27.46 9.19 -7.21
C LEU B 214 -27.13 10.62 -7.64
N ASP B 215 -28.01 11.55 -7.25
CA ASP B 215 -27.78 13.01 -7.37
C ASP B 215 -27.04 13.48 -6.11
N LEU B 216 -25.75 13.74 -6.25
CA LEU B 216 -24.89 14.02 -5.09
C LEU B 216 -24.30 15.42 -5.28
N LYS B 217 -24.93 16.27 -6.06
CA LYS B 217 -24.45 17.66 -6.19
C LYS B 217 -24.39 18.34 -4.83
N LYS B 218 -25.42 18.20 -3.98
CA LYS B 218 -25.42 18.82 -2.63
C LYS B 218 -24.24 18.26 -1.82
N PHE B 219 -24.07 16.93 -1.79
CA PHE B 219 -22.97 16.35 -0.98
C PHE B 219 -21.62 16.96 -1.37
N TYR B 220 -21.36 17.03 -2.67
CA TYR B 220 -20.06 17.52 -3.18
C TYR B 220 -19.90 19.04 -3.03
N SER B 221 -20.94 19.75 -2.61
CA SER B 221 -20.88 21.18 -2.25
C SER B 221 -20.65 21.38 -0.74
N LEU B 222 -20.79 20.35 0.09
CA LEU B 222 -20.78 20.56 1.56
C LEU B 222 -19.34 20.84 2.02
N GLN B 223 -19.18 21.68 3.03
CA GLN B 223 -17.85 22.02 3.59
C GLN B 223 -17.55 21.17 4.83
N ILE B 224 -18.32 20.13 5.07
CA ILE B 224 -18.11 19.24 6.24
C ILE B 224 -16.83 18.45 6.02
N PRO B 225 -15.96 18.38 7.04
CA PRO B 225 -14.73 17.62 6.91
C PRO B 225 -15.03 16.13 6.70
N LYS B 226 -14.13 15.51 5.92
CA LYS B 226 -14.26 14.08 5.57
C LYS B 226 -12.97 13.37 5.99
N SER B 227 -13.12 12.09 6.38
CA SER B 227 -12.00 11.17 6.58
C SER B 227 -12.26 9.86 5.82
N TYR B 228 -11.16 9.18 5.49
CA TYR B 228 -11.27 7.83 4.89
C TYR B 228 -10.40 6.94 5.75
N LEU B 229 -11.05 5.92 6.27
CA LEU B 229 -10.41 4.88 7.13
C LEU B 229 -10.30 3.63 6.27
N TYR B 230 -9.09 3.23 5.95
CA TYR B 230 -8.77 2.14 4.98
C TYR B 230 -8.01 1.03 5.68
N LEU B 231 -8.48 -0.22 5.50
CA LEU B 231 -7.79 -1.44 5.96
C LEU B 231 -7.10 -2.09 4.78
N THR B 232 -5.79 -2.38 4.87
CA THR B 232 -4.97 -2.64 3.67
C THR B 232 -5.20 -4.02 3.05
N GLU B 233 -5.91 -4.94 3.71
CA GLU B 233 -6.28 -6.23 3.13
C GLU B 233 -7.72 -6.24 2.68
N ASP B 234 -8.38 -5.09 2.56
CA ASP B 234 -9.78 -5.07 2.10
C ASP B 234 -9.81 -5.23 0.58
N THR B 235 -10.41 -6.34 0.18
CA THR B 235 -10.54 -6.74 -1.22
C THR B 235 -12.00 -6.93 -1.61
N ALA B 236 -12.96 -6.37 -0.90
CA ALA B 236 -14.35 -6.60 -1.28
C ALA B 236 -14.57 -6.08 -2.69
N ILE B 237 -13.92 -4.98 -3.01
CA ILE B 237 -13.72 -4.59 -4.42
C ILE B 237 -12.25 -4.83 -4.67
N PRO B 238 -11.84 -5.44 -5.81
CA PRO B 238 -10.44 -5.81 -5.99
C PRO B 238 -9.50 -4.61 -5.91
N GLN B 239 -8.37 -4.83 -5.25
CA GLN B 239 -7.33 -3.81 -5.21
C GLN B 239 -6.75 -3.62 -6.61
N GLY B 240 -6.39 -2.39 -6.89
CA GLY B 240 -5.95 -1.98 -8.23
C GLY B 240 -6.68 -0.71 -8.61
N PRO B 241 -6.88 -0.47 -9.91
CA PRO B 241 -7.49 0.78 -10.36
C PRO B 241 -8.88 1.04 -9.78
N TYR B 242 -9.60 0.02 -9.34
CA TYR B 242 -10.95 0.18 -8.81
C TYR B 242 -11.00 0.06 -7.29
N GLY B 243 -9.89 -0.02 -6.61
CA GLY B 243 -9.91 -0.34 -5.16
C GLY B 243 -10.54 0.76 -4.31
N PHE B 244 -10.78 0.44 -3.07
CA PHE B 244 -11.24 1.45 -2.10
C PHE B 244 -10.25 2.60 -1.94
N HIS B 245 -8.97 2.29 -1.93
CA HIS B 245 -7.95 3.35 -1.74
C HIS B 245 -6.76 3.02 -2.59
N PRO B 246 -6.20 3.96 -3.38
CA PRO B 246 -6.63 5.36 -3.44
C PRO B 246 -7.81 5.70 -4.35
N THR B 247 -8.46 4.75 -5.07
CA THR B 247 -9.43 5.18 -6.06
C THR B 247 -10.70 5.71 -5.39
N GLN B 248 -11.45 4.94 -4.58
CA GLN B 248 -12.69 5.51 -4.00
C GLN B 248 -12.38 6.71 -3.13
N SER B 249 -11.37 6.63 -2.29
CA SER B 249 -11.10 7.74 -1.34
C SER B 249 -10.83 9.03 -2.12
N SER B 250 -10.18 8.92 -3.28
CA SER B 250 -9.83 10.12 -4.11
C SER B 250 -11.09 10.87 -4.50
N HIS B 251 -12.24 10.25 -4.55
CA HIS B 251 -13.50 10.93 -4.91
C HIS B 251 -13.82 12.04 -3.91
N LEU B 252 -13.32 11.95 -2.69
CA LEU B 252 -13.69 12.90 -1.63
C LEU B 252 -12.94 14.21 -1.80
N GLY B 253 -11.96 14.28 -2.67
CA GLY B 253 -11.08 15.47 -2.75
C GLY B 253 -10.19 15.54 -1.51
N VAL B 254 -10.26 16.61 -0.75
CA VAL B 254 -9.42 16.75 0.47
C VAL B 254 -10.11 15.95 1.57
N PHE B 255 -9.34 15.09 2.25
CA PHE B 255 -9.86 14.26 3.34
C PHE B 255 -8.70 13.86 4.22
N ARG B 256 -9.00 13.37 5.41
CA ARG B 256 -8.02 12.83 6.35
C ARG B 256 -7.92 11.31 6.18
N PHE B 257 -6.77 10.84 5.71
CA PHE B 257 -6.50 9.40 5.51
C PHE B 257 -6.01 8.78 6.81
N ILE B 258 -6.64 7.66 7.23
CA ILE B 258 -6.20 6.83 8.37
C ILE B 258 -6.13 5.41 7.87
N GLU B 259 -4.98 4.77 8.08
CA GLU B 259 -4.75 3.42 7.58
C GLU B 259 -4.71 2.43 8.75
N GLY B 260 -5.23 1.24 8.55
CA GLY B 260 -5.03 0.15 9.51
C GLY B 260 -4.89 -1.19 8.79
N LYS B 261 -4.71 -2.20 9.59
CA LYS B 261 -4.56 -3.59 9.15
C LYS B 261 -5.86 -4.35 9.31
N GLY B 262 -6.37 -4.92 8.22
CA GLY B 262 -7.57 -5.74 8.27
C GLY B 262 -8.26 -5.88 6.96
N ASP B 263 -9.45 -6.43 6.96
CA ASP B 263 -10.17 -6.73 5.72
C ASP B 263 -11.58 -6.24 5.82
N HIS B 264 -12.45 -6.57 4.88
CA HIS B 264 -13.78 -5.94 4.82
C HIS B 264 -14.63 -6.27 6.02
N MET B 265 -14.71 -7.53 6.46
CA MET B 265 -15.72 -7.91 7.46
C MET B 265 -15.18 -8.72 8.64
N THR B 266 -13.93 -9.11 8.68
CA THR B 266 -13.39 -9.87 9.82
C THR B 266 -13.05 -8.92 10.94
N THR B 267 -12.34 -7.86 10.66
CA THR B 267 -11.58 -7.10 11.65
C THR B 267 -12.50 -6.38 12.64
N VAL B 268 -13.65 -5.90 12.24
CA VAL B 268 -14.59 -5.28 13.22
C VAL B 268 -14.98 -6.30 14.28
N ARG B 269 -14.93 -7.59 14.02
CA ARG B 269 -15.25 -8.63 14.99
C ARG B 269 -14.03 -9.07 15.75
N THR B 270 -12.89 -9.24 15.12
CA THR B 270 -11.72 -9.89 15.75
C THR B 270 -10.83 -8.88 16.46
N GLU B 271 -10.78 -7.64 16.00
CA GLU B 271 -9.89 -6.60 16.56
C GLU B 271 -10.70 -5.36 16.86
N PRO B 272 -11.76 -5.45 17.68
CA PRO B 272 -12.64 -4.31 17.90
C PRO B 272 -11.96 -3.17 18.67
N LYS B 273 -11.05 -3.47 19.59
CA LYS B 273 -10.35 -2.37 20.28
C LYS B 273 -9.53 -1.55 19.29
N MET B 274 -8.77 -2.21 18.45
CA MET B 274 -7.98 -1.50 17.46
C MET B 274 -8.91 -0.75 16.52
N MET B 275 -10.00 -1.36 16.09
CA MET B 275 -10.91 -0.63 15.17
C MET B 275 -11.49 0.61 15.86
N ALA B 276 -11.87 0.52 17.13
CA ALA B 276 -12.43 1.68 17.86
C ALA B 276 -11.38 2.78 17.84
N GLU B 277 -10.13 2.42 18.07
CA GLU B 277 -9.08 3.44 18.17
C GLU B 277 -8.90 4.11 16.80
N LEU B 278 -8.94 3.33 15.69
CA LEU B 278 -8.81 3.92 14.36
C LEU B 278 -10.02 4.81 14.05
N MET B 279 -11.20 4.44 14.50
CA MET B 279 -12.40 5.26 14.24
C MET B 279 -12.28 6.60 15.01
N VAL B 280 -11.70 6.57 16.19
CA VAL B 280 -11.40 7.84 16.90
C VAL B 280 -10.36 8.66 16.13
N LYS B 281 -9.31 8.01 15.63
CA LYS B 281 -8.28 8.77 14.88
C LYS B 281 -8.90 9.38 13.62
N ALA B 282 -9.87 8.71 12.98
CA ALA B 282 -10.52 9.23 11.78
C ALA B 282 -11.58 10.28 12.13
N GLY B 283 -12.22 10.14 13.28
CA GLY B 283 -13.41 10.95 13.66
C GLY B 283 -13.08 12.21 14.42
N ARG B 284 -12.01 12.19 15.20
CA ARG B 284 -11.72 13.28 16.15
C ARG B 284 -11.49 14.58 15.39
N ASP B 285 -11.62 15.71 16.08
CA ASP B 285 -11.21 17.00 15.46
C ASP B 285 -9.70 17.09 15.14
N PRO C 44 -4.14 -29.47 10.62
CA PRO C 44 -2.87 -29.73 9.90
C PRO C 44 -3.05 -29.68 8.39
N LEU C 45 -2.10 -29.03 7.74
CA LEU C 45 -2.04 -28.79 6.28
C LEU C 45 -0.79 -29.43 5.70
N THR C 46 -0.86 -29.73 4.42
CA THR C 46 0.27 -30.23 3.68
C THR C 46 0.65 -29.18 2.66
N PHE C 47 1.90 -28.73 2.69
CA PHE C 47 2.43 -27.74 1.74
C PHE C 47 3.51 -28.39 0.88
N VAL C 48 3.50 -27.98 -0.39
CA VAL C 48 4.60 -28.20 -1.35
C VAL C 48 5.12 -26.81 -1.75
N LEU C 49 6.32 -26.48 -1.35
CA LEU C 49 6.92 -25.14 -1.58
C LEU C 49 7.88 -25.18 -2.77
N ILE C 50 7.69 -24.26 -3.67
CA ILE C 50 8.45 -24.18 -4.95
C ILE C 50 9.22 -22.86 -4.93
N HIS C 51 10.54 -22.93 -4.86
CA HIS C 51 11.40 -21.72 -4.87
C HIS C 51 11.44 -21.10 -6.27
N GLY C 52 11.98 -19.90 -6.39
CA GLY C 52 12.17 -19.18 -7.65
C GLY C 52 13.61 -19.20 -8.16
N SER C 53 13.95 -18.18 -8.91
CA SER C 53 15.29 -18.11 -9.54
C SER C 53 16.33 -17.64 -8.51
N TRP C 54 17.58 -17.92 -8.80
CA TRP C 54 18.74 -17.58 -7.92
C TRP C 54 18.48 -18.14 -6.53
N ALA C 55 17.96 -19.34 -6.47
CA ALA C 55 17.58 -20.00 -5.21
C ALA C 55 17.60 -21.49 -5.42
N THR C 56 17.64 -22.20 -4.33
CA THR C 56 17.55 -23.67 -4.27
C THR C 56 16.42 -24.00 -3.29
N ALA C 57 16.13 -25.25 -3.09
CA ALA C 57 15.14 -25.70 -2.11
C ALA C 57 15.52 -25.18 -0.73
N GLY C 58 16.80 -24.95 -0.45
CA GLY C 58 17.30 -24.42 0.84
C GLY C 58 16.73 -23.03 1.16
N PHE C 59 16.20 -22.33 0.17
CA PHE C 59 15.52 -21.04 0.36
C PHE C 59 14.47 -21.20 1.45
N TRP C 60 13.84 -22.36 1.54
CA TRP C 60 12.73 -22.62 2.48
C TRP C 60 13.16 -23.16 3.84
N ASP C 61 14.45 -23.37 4.07
CA ASP C 61 14.85 -24.10 5.31
C ASP C 61 14.21 -23.50 6.58
N GLU C 62 14.38 -22.19 6.77
CA GLU C 62 13.94 -21.57 8.04
C GLU C 62 12.42 -21.57 8.15
N THR C 63 11.73 -21.19 7.07
CA THR C 63 10.24 -21.07 7.08
C THR C 63 9.60 -22.45 7.15
N ALA C 64 10.15 -23.44 6.44
CA ALA C 64 9.63 -24.81 6.49
C ALA C 64 9.72 -25.36 7.92
N SER C 65 10.85 -25.09 8.59
CA SER C 65 11.02 -25.56 9.97
C SER C 65 9.91 -24.99 10.85
N GLU C 66 9.62 -23.69 10.72
CA GLU C 66 8.56 -23.03 11.51
C GLU C 66 7.20 -23.58 11.16
N LEU C 67 6.95 -23.87 9.87
CA LEU C 67 5.67 -24.48 9.52
C LEU C 67 5.48 -25.85 10.17
N ARG C 68 6.57 -26.64 10.23
CA ARG C 68 6.47 -27.97 10.84
C ARG C 68 6.19 -27.85 12.33
N LYS C 69 6.73 -26.86 13.01
CA LYS C 69 6.44 -26.67 14.45
C LYS C 69 4.99 -26.30 14.71
N LEU C 70 4.27 -25.75 13.72
CA LEU C 70 2.83 -25.50 13.77
C LEU C 70 2.02 -26.75 13.47
N GLY C 71 2.67 -27.86 13.13
CA GLY C 71 1.98 -29.14 12.93
C GLY C 71 1.75 -29.50 11.50
N HIS C 72 2.27 -28.70 10.58
CA HIS C 72 2.03 -28.91 9.13
C HIS C 72 3.11 -29.82 8.55
N THR C 73 2.75 -30.52 7.50
CA THR C 73 3.68 -31.31 6.71
C THR C 73 4.19 -30.44 5.56
N VAL C 74 5.48 -30.43 5.32
CA VAL C 74 6.08 -29.49 4.36
C VAL C 74 7.10 -30.20 3.50
N TYR C 75 6.88 -30.16 2.19
CA TYR C 75 7.84 -30.66 1.18
C TYR C 75 8.45 -29.49 0.46
N THR C 76 9.77 -29.56 0.25
CA THR C 76 10.53 -28.51 -0.43
C THR C 76 11.37 -29.13 -1.53
N PRO C 77 10.73 -29.54 -2.63
CA PRO C 77 11.48 -30.23 -3.67
C PRO C 77 12.46 -29.32 -4.38
N GLU C 78 13.58 -29.92 -4.80
CA GLU C 78 14.48 -29.27 -5.77
C GLU C 78 13.89 -29.56 -7.15
N TYR C 79 14.29 -28.77 -8.12
CA TYR C 79 13.81 -28.96 -9.50
C TYR C 79 14.98 -28.86 -10.50
N ALA C 80 14.67 -29.23 -11.73
CA ALA C 80 15.71 -29.42 -12.77
C ALA C 80 16.53 -28.14 -12.93
N GLY C 81 17.84 -28.35 -13.12
CA GLY C 81 18.78 -27.26 -13.38
C GLY C 81 19.05 -26.37 -12.19
N HIS C 82 18.53 -26.74 -11.02
CA HIS C 82 18.72 -25.94 -9.79
C HIS C 82 19.28 -26.85 -8.70
N GLY C 83 19.95 -26.28 -7.69
CA GLY C 83 20.56 -27.11 -6.63
C GLY C 83 21.72 -27.92 -7.18
N ALA C 84 21.79 -29.21 -6.85
CA ALA C 84 22.85 -30.16 -7.31
C ALA C 84 22.80 -30.31 -8.83
N ASP C 85 21.60 -30.25 -9.45
CA ASP C 85 21.39 -30.61 -10.89
C ASP C 85 21.92 -29.48 -11.77
N LYS C 86 23.15 -29.66 -12.29
CA LYS C 86 23.85 -28.60 -13.05
C LYS C 86 23.37 -28.77 -14.49
N ASN C 87 22.52 -27.88 -14.95
CA ASN C 87 22.07 -27.92 -16.35
C ASN C 87 21.74 -26.52 -16.78
N ASN C 88 22.70 -25.82 -17.33
CA ASN C 88 22.47 -24.41 -17.72
C ASN C 88 21.53 -24.36 -18.95
N ASN C 89 21.19 -25.48 -19.59
CA ASN C 89 20.25 -25.47 -20.73
C ASN C 89 18.89 -26.08 -20.35
N VAL C 90 18.58 -26.16 -19.05
CA VAL C 90 17.27 -26.69 -18.61
C VAL C 90 16.13 -25.86 -19.22
N THR C 91 15.02 -26.52 -19.50
CA THR C 91 13.80 -25.88 -19.98
C THR C 91 12.69 -25.81 -18.91
N HIS C 92 11.67 -25.04 -19.19
CA HIS C 92 10.50 -24.88 -18.29
C HIS C 92 9.82 -26.25 -18.23
N GLU C 93 9.73 -26.96 -19.35
CA GLU C 93 9.06 -28.28 -19.36
C GLU C 93 9.84 -29.24 -18.46
N GLN C 94 11.17 -29.23 -18.49
CA GLN C 94 12.01 -30.11 -17.63
C GLN C 94 11.76 -29.75 -16.17
N ILE C 95 11.71 -28.46 -15.85
CA ILE C 95 11.47 -28.04 -14.43
C ILE C 95 10.08 -28.55 -14.01
N THR C 96 9.09 -28.31 -14.84
CA THR C 96 7.70 -28.71 -14.54
C THR C 96 7.62 -30.21 -14.32
N LYS C 97 8.23 -30.96 -15.22
CA LYS C 97 8.17 -32.43 -15.10
C LYS C 97 8.87 -32.91 -13.85
N SER C 98 9.97 -32.28 -13.45
CA SER C 98 10.69 -32.71 -12.22
C SER C 98 9.78 -32.54 -10.98
N VAL C 99 8.99 -31.47 -10.95
CA VAL C 99 8.06 -31.26 -9.81
C VAL C 99 6.87 -32.21 -9.88
N VAL C 100 6.28 -32.36 -11.04
CA VAL C 100 5.18 -33.34 -11.20
C VAL C 100 5.66 -34.72 -10.80
N ASP C 101 6.82 -35.10 -11.28
CA ASP C 101 7.38 -36.43 -10.93
C ASP C 101 7.55 -36.62 -9.44
N TYR C 102 8.02 -35.61 -8.73
CA TYR C 102 8.15 -35.64 -7.25
C TYR C 102 6.79 -35.85 -6.60
N ILE C 103 5.77 -35.08 -7.03
CA ILE C 103 4.42 -35.19 -6.45
C ILE C 103 3.87 -36.60 -6.69
N LYS C 104 4.02 -37.10 -7.93
CA LYS C 104 3.47 -38.43 -8.24
C LYS C 104 4.22 -39.53 -7.52
N GLN C 105 5.52 -39.45 -7.42
CA GLN C 105 6.31 -40.52 -6.80
C GLN C 105 5.98 -40.64 -5.31
N LYS C 106 5.83 -39.52 -4.62
CA LYS C 106 5.41 -39.47 -3.20
C LYS C 106 3.89 -39.65 -3.07
N ASP C 107 3.15 -39.66 -4.17
CA ASP C 107 1.68 -39.77 -4.19
C ASP C 107 1.05 -38.72 -3.29
N LEU C 108 1.51 -37.50 -3.42
CA LEU C 108 0.96 -36.41 -2.60
C LEU C 108 -0.42 -36.03 -3.05
N LYS C 109 -1.28 -35.68 -2.11
CA LYS C 109 -2.61 -35.18 -2.44
C LYS C 109 -3.16 -34.25 -1.37
N ASP C 110 -4.22 -33.58 -1.76
CA ASP C 110 -4.94 -32.62 -0.92
C ASP C 110 -3.95 -31.64 -0.31
N PHE C 111 -3.04 -31.11 -1.12
CA PHE C 111 -1.98 -30.21 -0.61
C PHE C 111 -2.09 -28.81 -1.18
N ILE C 112 -1.42 -27.91 -0.50
CA ILE C 112 -1.28 -26.50 -0.90
C ILE C 112 0.01 -26.38 -1.71
N LEU C 113 -0.13 -25.91 -2.92
CA LEU C 113 1.02 -25.73 -3.83
C LEU C 113 1.40 -24.25 -3.81
N LEU C 114 2.55 -23.92 -3.26
CA LEU C 114 2.95 -22.52 -3.04
C LEU C 114 4.24 -22.27 -3.80
N GLY C 115 4.26 -21.17 -4.55
CA GLY C 115 5.45 -20.77 -5.30
C GLY C 115 5.88 -19.34 -4.99
N HIS C 116 7.17 -19.11 -4.96
CA HIS C 116 7.75 -17.74 -4.82
C HIS C 116 8.33 -17.35 -6.14
N SER C 117 8.27 -16.07 -6.48
CA SER C 117 8.97 -15.49 -7.65
C SER C 117 8.74 -16.32 -8.94
N PHE C 118 9.80 -16.70 -9.66
CA PHE C 118 9.70 -17.53 -10.90
C PHE C 118 8.90 -18.80 -10.59
N GLY C 119 8.93 -19.28 -9.37
CA GLY C 119 8.12 -20.42 -8.95
C GLY C 119 6.64 -20.23 -9.14
N GLY C 120 6.12 -19.01 -9.27
CA GLY C 120 4.70 -18.83 -9.63
C GLY C 120 4.38 -19.42 -11.00
N SER C 121 5.32 -19.32 -11.97
CA SER C 121 5.12 -19.95 -13.30
C SER C 121 5.13 -21.45 -13.16
N VAL C 122 5.94 -21.97 -12.28
CA VAL C 122 6.04 -23.43 -12.04
C VAL C 122 4.78 -23.96 -11.39
N ILE C 123 4.20 -23.26 -10.40
CA ILE C 123 2.94 -23.80 -9.80
C ILE C 123 1.85 -23.74 -10.85
N GLN C 124 1.85 -22.78 -11.76
CA GLN C 124 0.88 -22.75 -12.86
C GLN C 124 0.99 -23.99 -13.75
N THR C 125 2.19 -24.30 -14.20
CA THR C 125 2.37 -25.45 -15.13
C THR C 125 2.21 -26.77 -14.41
N VAL C 126 2.62 -26.85 -13.17
CA VAL C 126 2.42 -28.11 -12.38
C VAL C 126 0.95 -28.31 -12.14
N SER C 127 0.22 -27.28 -11.73
CA SER C 127 -1.18 -27.45 -11.32
C SER C 127 -2.00 -27.93 -12.49
N GLN C 128 -1.64 -27.56 -13.71
CA GLN C 128 -2.51 -27.99 -14.84
C GLN C 128 -2.25 -29.47 -15.18
N GLN C 129 -1.18 -30.08 -14.65
CA GLN C 129 -0.92 -31.52 -14.84
C GLN C 129 -1.53 -32.36 -13.72
N VAL C 130 -1.60 -31.87 -12.49
CA VAL C 130 -2.06 -32.70 -11.34
C VAL C 130 -3.15 -31.96 -10.57
N PRO C 131 -4.18 -31.42 -11.23
CA PRO C 131 -5.17 -30.61 -10.53
C PRO C 131 -5.97 -31.39 -9.51
N ASP C 132 -6.14 -32.68 -9.76
CA ASP C 132 -6.88 -33.57 -8.85
C ASP C 132 -6.23 -33.68 -7.48
N ARG C 133 -4.98 -33.28 -7.34
CA ARG C 133 -4.18 -33.47 -6.11
C ARG C 133 -4.09 -32.21 -5.26
N ILE C 134 -4.55 -31.08 -5.77
CA ILE C 134 -4.24 -29.75 -5.18
C ILE C 134 -5.48 -29.15 -4.52
N LYS C 135 -5.34 -28.78 -3.26
CA LYS C 135 -6.36 -28.09 -2.46
C LYS C 135 -6.44 -26.62 -2.83
N ARG C 136 -5.29 -25.96 -2.98
CA ARG C 136 -5.18 -24.49 -3.08
C ARG C 136 -3.82 -24.17 -3.67
N ILE C 137 -3.76 -23.10 -4.45
CA ILE C 137 -2.53 -22.65 -5.13
C ILE C 137 -2.19 -21.28 -4.56
N VAL C 138 -1.03 -21.12 -3.97
CA VAL C 138 -0.61 -19.86 -3.31
C VAL C 138 0.57 -19.25 -4.05
N PHE C 139 0.41 -18.04 -4.54
CA PHE C 139 1.46 -17.22 -5.17
C PHE C 139 2.05 -16.32 -4.11
N PHE C 140 3.28 -16.46 -3.77
CA PHE C 140 3.99 -15.68 -2.75
C PHE C 140 5.00 -14.80 -3.45
N ASP C 141 4.66 -13.51 -3.64
CA ASP C 141 5.55 -12.54 -4.33
C ASP C 141 6.08 -13.21 -5.60
N ALA C 142 5.10 -13.72 -6.36
CA ALA C 142 5.38 -14.59 -7.51
C ALA C 142 4.80 -13.99 -8.77
N PHE C 143 5.38 -14.39 -9.89
CA PHE C 143 4.86 -14.08 -11.23
C PHE C 143 3.69 -15.00 -11.56
N ALA C 144 2.76 -14.44 -12.28
CA ALA C 144 1.59 -15.17 -12.80
C ALA C 144 1.38 -14.76 -14.24
N PRO C 145 2.26 -15.24 -15.13
CA PRO C 145 2.06 -14.89 -16.55
C PRO C 145 0.65 -15.28 -17.02
N LEU C 146 0.12 -14.51 -17.96
CA LEU C 146 -1.10 -14.91 -18.66
C LEU C 146 -0.74 -15.97 -19.69
N ASP C 147 -1.77 -16.64 -20.21
CA ASP C 147 -1.55 -17.65 -21.26
C ASP C 147 -0.78 -17.02 -22.43
N GLY C 148 0.26 -17.73 -22.85
CA GLY C 148 1.13 -17.36 -23.99
C GLY C 148 2.18 -16.36 -23.65
N GLN C 149 2.35 -16.00 -22.38
CA GLN C 149 3.42 -15.10 -21.89
C GLN C 149 4.50 -15.91 -21.23
N SER C 150 5.67 -15.28 -21.08
CA SER C 150 6.80 -15.78 -20.30
C SER C 150 6.86 -15.02 -18.95
N VAL C 151 7.75 -15.51 -18.10
CA VAL C 151 8.11 -14.72 -16.90
C VAL C 151 8.70 -13.38 -17.35
N ALA C 152 9.64 -13.38 -18.30
CA ALA C 152 10.38 -12.14 -18.69
C ALA C 152 9.42 -11.13 -19.26
N ASP C 153 8.32 -11.57 -19.84
CA ASP C 153 7.27 -10.66 -20.34
C ASP C 153 6.61 -9.83 -19.25
N GLN C 154 6.84 -10.21 -17.98
CA GLN C 154 6.27 -9.46 -16.85
C GLN C 154 7.16 -8.25 -16.55
N PHE C 155 8.39 -8.21 -17.03
CA PHE C 155 9.42 -7.22 -16.62
C PHE C 155 9.22 -5.91 -17.38
N PRO C 156 9.58 -4.77 -16.74
CA PRO C 156 9.72 -3.52 -17.47
C PRO C 156 10.71 -3.71 -18.64
N ALA C 157 10.54 -2.91 -19.73
CA ALA C 157 11.37 -3.01 -20.96
C ALA C 157 12.88 -2.95 -20.63
N GLU C 158 13.29 -2.05 -19.75
CA GLU C 158 14.73 -1.86 -19.41
C GLU C 158 15.28 -3.08 -18.65
N SER C 159 14.45 -3.77 -17.87
CA SER C 159 14.83 -5.01 -17.14
C SER C 159 14.93 -6.16 -18.14
N LEU C 160 13.99 -6.28 -19.07
CA LEU C 160 14.05 -7.32 -20.10
C LEU C 160 15.39 -7.20 -20.86
N LYS C 161 15.74 -6.00 -21.33
CA LYS C 161 16.98 -5.80 -22.12
C LYS C 161 18.20 -6.18 -21.27
N SER C 162 18.23 -5.72 -20.03
CA SER C 162 19.29 -6.03 -19.05
C SER C 162 19.43 -7.55 -18.87
N PHE C 163 18.33 -8.26 -18.65
CA PHE C 163 18.40 -9.71 -18.47
C PHE C 163 18.90 -10.36 -19.76
N GLU C 164 18.45 -9.91 -20.94
CA GLU C 164 18.90 -10.54 -22.21
C GLU C 164 20.43 -10.35 -22.31
N GLN C 165 20.91 -9.18 -21.92
CA GLN C 165 22.36 -8.81 -21.96
C GLN C 165 23.17 -9.62 -20.94
N LEU C 166 22.66 -9.79 -19.71
CA LEU C 166 23.33 -10.65 -18.70
C LEU C 166 23.42 -12.10 -19.20
N ARG C 167 22.35 -12.64 -19.81
CA ARG C 167 22.33 -14.01 -20.36
C ARG C 167 23.44 -14.10 -21.43
N ASP C 168 23.46 -13.11 -22.33
CA ASP C 168 24.36 -13.15 -23.52
C ASP C 168 25.82 -12.98 -23.05
N ALA C 169 26.08 -12.12 -22.05
CA ALA C 169 27.42 -11.83 -21.48
C ALA C 169 27.96 -13.06 -20.76
N SER C 170 27.11 -13.95 -20.25
CA SER C 170 27.60 -15.10 -19.45
C SER C 170 28.45 -16.06 -20.30
N GLY C 171 28.06 -16.25 -21.54
CA GLY C 171 28.66 -17.27 -22.43
C GLY C 171 28.25 -18.70 -22.09
N ASN C 172 27.35 -18.90 -21.11
CA ASN C 172 26.91 -20.26 -20.73
C ASN C 172 25.40 -20.23 -20.44
N ASN C 173 24.65 -19.27 -21.01
CA ASN C 173 23.17 -19.24 -20.89
C ASN C 173 22.75 -19.07 -19.42
N THR C 174 23.52 -18.35 -18.59
CA THR C 174 23.10 -18.08 -17.19
C THR C 174 22.99 -16.58 -16.97
N ILE C 175 22.26 -16.23 -15.93
CA ILE C 175 22.10 -14.84 -15.47
C ILE C 175 22.57 -14.74 -14.02
N THR C 176 23.58 -13.90 -13.80
CA THR C 176 24.13 -13.58 -12.47
C THR C 176 23.66 -12.15 -12.16
N LEU C 177 22.87 -11.94 -11.09
CA LEU C 177 22.43 -10.56 -10.76
C LEU C 177 23.65 -9.79 -10.31
N PRO C 178 23.87 -8.54 -10.76
CA PRO C 178 24.89 -7.68 -10.15
C PRO C 178 24.57 -7.46 -8.67
N PHE C 179 25.59 -7.48 -7.83
CA PHE C 179 25.38 -7.37 -6.38
C PHE C 179 24.67 -6.07 -6.03
N PRO C 180 25.01 -4.88 -6.54
CA PRO C 180 24.27 -3.68 -6.14
C PRO C 180 22.76 -3.78 -6.40
N LEU C 181 22.34 -4.33 -7.52
CA LEU C 181 20.90 -4.50 -7.85
C LEU C 181 20.31 -5.47 -6.86
N PHE C 182 20.94 -6.60 -6.61
CA PHE C 182 20.47 -7.57 -5.62
C PHE C 182 20.30 -6.88 -4.28
N ARG C 183 21.39 -6.26 -3.80
CA ARG C 183 21.48 -5.65 -2.45
C ARG C 183 20.42 -4.57 -2.19
N ASP C 184 20.01 -3.82 -3.21
CA ASP C 184 19.06 -2.71 -3.01
C ASP C 184 17.66 -3.08 -3.48
N THR C 185 17.43 -4.14 -4.23
CA THR C 185 16.08 -4.44 -4.75
C THR C 185 15.58 -5.85 -4.38
N PHE C 186 16.44 -6.81 -4.04
CA PHE C 186 16.01 -8.16 -3.63
C PHE C 186 16.05 -8.28 -2.12
N VAL C 187 17.06 -7.66 -1.46
CA VAL C 187 17.24 -7.74 0.00
C VAL C 187 17.39 -6.32 0.55
N ASN C 188 16.51 -5.44 0.11
CA ASN C 188 16.52 -4.01 0.53
C ASN C 188 16.40 -3.86 2.05
N THR C 189 15.74 -4.76 2.76
CA THR C 189 15.56 -4.65 4.22
C THR C 189 16.68 -5.34 4.99
N ALA C 190 17.64 -5.97 4.32
CA ALA C 190 18.76 -6.69 4.98
C ALA C 190 19.86 -5.67 5.29
N SER C 191 20.70 -6.02 6.27
CA SER C 191 22.02 -5.37 6.44
C SER C 191 22.93 -5.74 5.29
N LEU C 192 24.03 -5.00 5.10
CA LEU C 192 25.02 -5.38 4.08
C LEU C 192 25.56 -6.80 4.36
N ALA C 193 25.92 -7.12 5.61
CA ALA C 193 26.48 -8.44 5.91
C ALA C 193 25.44 -9.51 5.55
N GLN C 194 24.18 -9.33 5.91
CA GLN C 194 23.11 -10.31 5.54
C GLN C 194 23.01 -10.38 4.02
N ALA C 195 22.99 -9.25 3.31
CA ALA C 195 22.96 -9.25 1.84
C ALA C 195 24.11 -10.03 1.21
N GLN C 196 25.32 -9.87 1.74
CA GLN C 196 26.52 -10.58 1.22
C GLN C 196 26.36 -12.08 1.47
N ALA C 197 25.85 -12.49 2.62
CA ALA C 197 25.63 -13.93 2.90
C ALA C 197 24.55 -14.46 1.95
N PHE C 198 23.43 -13.76 1.80
CA PHE C 198 22.32 -14.24 0.93
C PHE C 198 22.78 -14.29 -0.52
N TYR C 199 23.61 -13.37 -0.97
CA TYR C 199 24.10 -13.33 -2.37
C TYR C 199 24.91 -14.59 -2.67
N LYS C 200 25.66 -15.08 -1.70
CA LYS C 200 26.47 -16.30 -1.89
C LYS C 200 25.55 -17.52 -2.01
N GLN C 201 24.31 -17.46 -1.52
CA GLN C 201 23.31 -18.53 -1.62
C GLN C 201 22.39 -18.29 -2.81
N ALA C 202 22.76 -17.37 -3.72
CA ALA C 202 21.94 -16.99 -4.91
C ALA C 202 22.69 -17.39 -6.18
N PRO C 203 22.63 -18.69 -6.58
CA PRO C 203 23.46 -19.16 -7.71
C PRO C 203 22.99 -18.60 -9.04
N PRO C 204 23.89 -18.53 -10.06
CA PRO C 204 23.46 -18.04 -11.34
C PRO C 204 22.28 -18.86 -11.89
N GLU C 205 21.36 -18.18 -12.56
CA GLU C 205 20.11 -18.81 -13.06
C GLU C 205 20.29 -19.29 -14.49
N PRO C 206 19.92 -20.56 -14.78
CA PRO C 206 19.80 -20.99 -16.17
C PRO C 206 18.69 -20.22 -16.86
N ALA C 207 19.02 -19.60 -17.99
CA ALA C 207 18.18 -18.50 -18.50
C ALA C 207 16.94 -18.95 -19.27
N THR C 208 16.97 -20.12 -19.92
CA THR C 208 15.91 -20.43 -20.90
C THR C 208 14.51 -20.36 -20.27
N PRO C 209 14.27 -20.94 -19.08
CA PRO C 209 12.88 -20.95 -18.59
C PRO C 209 12.28 -19.60 -18.26
N LEU C 210 13.10 -18.59 -18.08
CA LEU C 210 12.56 -17.25 -17.80
C LEU C 210 11.96 -16.64 -19.04
N PHE C 211 12.50 -17.01 -20.23
CA PHE C 211 12.12 -16.37 -21.50
C PHE C 211 11.11 -17.17 -22.31
N GLU C 212 10.89 -18.42 -21.93
CA GLU C 212 9.96 -19.29 -22.72
C GLU C 212 8.53 -18.86 -22.51
N LYS C 213 7.76 -18.77 -23.57
CA LYS C 213 6.31 -18.52 -23.46
C LYS C 213 5.62 -19.79 -22.96
N LEU C 214 4.58 -19.60 -22.17
CA LEU C 214 3.92 -20.72 -21.47
C LEU C 214 2.47 -20.91 -21.95
N ASP C 215 2.12 -22.17 -22.19
CA ASP C 215 0.73 -22.56 -22.46
C ASP C 215 0.02 -22.79 -21.13
N LEU C 216 -0.83 -21.86 -20.76
CA LEU C 216 -1.47 -21.79 -19.43
C LEU C 216 -2.99 -21.79 -19.57
N LYS C 217 -3.52 -22.22 -20.73
CA LYS C 217 -4.99 -22.28 -20.90
C LYS C 217 -5.64 -23.17 -19.83
N LYS C 218 -5.06 -24.31 -19.56
CA LYS C 218 -5.67 -25.21 -18.56
C LYS C 218 -5.61 -24.52 -17.19
N PHE C 219 -4.49 -23.95 -16.79
CA PHE C 219 -4.39 -23.27 -15.48
C PHE C 219 -5.50 -22.24 -15.35
N TYR C 220 -5.76 -21.42 -16.36
CA TYR C 220 -6.75 -20.35 -16.25
C TYR C 220 -8.18 -20.87 -16.26
N SER C 221 -8.37 -22.13 -16.64
CA SER C 221 -9.71 -22.79 -16.59
C SER C 221 -9.94 -23.46 -15.23
N LEU C 222 -8.93 -23.65 -14.40
CA LEU C 222 -9.11 -24.38 -13.11
C LEU C 222 -10.03 -23.64 -12.13
N GLN C 223 -10.73 -24.41 -11.31
CA GLN C 223 -11.62 -23.89 -10.25
C GLN C 223 -10.93 -24.07 -8.90
N ILE C 224 -9.69 -24.47 -8.86
CA ILE C 224 -8.97 -24.62 -7.57
C ILE C 224 -8.79 -23.21 -7.00
N PRO C 225 -9.04 -22.99 -5.72
CA PRO C 225 -8.88 -21.65 -5.17
C PRO C 225 -7.42 -21.20 -5.12
N LYS C 226 -7.25 -19.91 -5.35
CA LYS C 226 -5.95 -19.25 -5.39
C LYS C 226 -5.82 -18.21 -4.30
N SER C 227 -4.62 -18.07 -3.79
CA SER C 227 -4.26 -17.01 -2.84
C SER C 227 -3.06 -16.28 -3.37
N TYR C 228 -2.86 -15.01 -2.95
CA TYR C 228 -1.65 -14.23 -3.21
C TYR C 228 -1.17 -13.70 -1.88
N LEU C 229 0.04 -14.05 -1.52
CA LEU C 229 0.74 -13.62 -0.32
C LEU C 229 1.73 -12.57 -0.75
N TYR C 230 1.56 -11.33 -0.30
CA TYR C 230 2.39 -10.18 -0.74
C TYR C 230 3.13 -9.54 0.43
N LEU C 231 4.41 -9.31 0.34
CA LEU C 231 5.17 -8.52 1.32
C LEU C 231 5.40 -7.10 0.76
N THR C 232 5.12 -6.11 1.60
CA THR C 232 4.94 -4.72 1.06
C THR C 232 6.24 -4.01 0.71
N GLU C 233 7.38 -4.53 1.11
CA GLU C 233 8.69 -3.97 0.65
C GLU C 233 9.34 -4.83 -0.45
N ASP C 234 8.60 -5.71 -1.11
CA ASP C 234 9.19 -6.51 -2.19
C ASP C 234 9.23 -5.68 -3.45
N THR C 235 10.47 -5.43 -3.86
CA THR C 235 10.79 -4.62 -5.04
C THR C 235 11.61 -5.38 -6.07
N ALA C 236 11.61 -6.71 -6.03
CA ALA C 236 12.45 -7.44 -7.01
C ALA C 236 12.00 -7.08 -8.42
N ILE C 237 10.71 -6.91 -8.60
CA ILE C 237 10.17 -6.15 -9.75
C ILE C 237 9.70 -4.85 -9.16
N PRO C 238 9.95 -3.69 -9.77
CA PRO C 238 9.65 -2.43 -9.12
C PRO C 238 8.15 -2.27 -8.83
N GLN C 239 7.88 -1.63 -7.72
CA GLN C 239 6.49 -1.26 -7.37
C GLN C 239 5.97 -0.16 -8.29
N GLY C 240 4.70 -0.25 -8.62
CA GLY C 240 4.13 0.57 -9.69
C GLY C 240 3.39 -0.33 -10.65
N PRO C 241 3.31 0.10 -11.94
CA PRO C 241 2.54 -0.67 -12.90
C PRO C 241 3.01 -2.11 -13.13
N TYR C 242 4.22 -2.44 -12.78
CA TYR C 242 4.77 -3.79 -13.08
C TYR C 242 4.85 -4.62 -11.79
N GLY C 243 4.42 -4.09 -10.67
CA GLY C 243 4.71 -4.73 -9.36
C GLY C 243 3.98 -6.04 -9.14
N PHE C 244 4.46 -6.78 -8.19
CA PHE C 244 3.79 -8.05 -7.81
C PHE C 244 2.33 -7.84 -7.41
N HIS C 245 2.02 -6.77 -6.73
CA HIS C 245 0.66 -6.50 -6.24
C HIS C 245 0.36 -5.03 -6.30
N PRO C 246 -0.71 -4.58 -6.97
CA PRO C 246 -1.75 -5.40 -7.58
C PRO C 246 -1.54 -5.96 -8.98
N THR C 247 -0.44 -5.70 -9.69
CA THR C 247 -0.38 -6.08 -11.13
C THR C 247 -0.31 -7.62 -11.28
N GLN C 248 0.71 -8.29 -10.78
CA GLN C 248 0.80 -9.75 -11.03
C GLN C 248 -0.39 -10.45 -10.40
N SER C 249 -0.76 -10.09 -9.18
CA SER C 249 -1.87 -10.77 -8.48
C SER C 249 -3.18 -10.63 -9.25
N SER C 250 -3.39 -9.54 -9.96
CA SER C 250 -4.63 -9.27 -10.71
C SER C 250 -4.79 -10.35 -11.77
N HIS C 251 -3.70 -10.92 -12.28
CA HIS C 251 -3.77 -11.94 -13.37
C HIS C 251 -4.57 -13.13 -12.87
N LEU C 252 -4.66 -13.39 -11.56
CA LEU C 252 -5.32 -14.63 -11.04
C LEU C 252 -6.85 -14.54 -11.11
N GLY C 253 -7.43 -13.38 -11.29
CA GLY C 253 -8.89 -13.24 -11.16
C GLY C 253 -9.25 -13.13 -9.69
N VAL C 254 -10.18 -13.93 -9.23
CA VAL C 254 -10.61 -13.95 -7.81
C VAL C 254 -9.57 -14.75 -7.03
N PHE C 255 -9.07 -14.17 -5.97
CA PHE C 255 -8.08 -14.83 -5.09
C PHE C 255 -8.18 -14.29 -3.68
N ARG C 256 -7.63 -15.04 -2.71
CA ARG C 256 -7.50 -14.58 -1.32
C ARG C 256 -6.20 -13.79 -1.14
N PHE C 257 -6.28 -12.52 -0.79
CA PHE C 257 -5.11 -11.65 -0.55
C PHE C 257 -4.68 -11.68 0.90
N ILE C 258 -3.44 -11.99 1.15
CA ILE C 258 -2.81 -11.92 2.47
C ILE C 258 -1.61 -11.02 2.34
N GLU C 259 -1.45 -10.05 3.22
CA GLU C 259 -0.36 -9.06 3.22
C GLU C 259 0.55 -9.25 4.43
N GLY C 260 1.85 -9.08 4.23
CA GLY C 260 2.82 -9.05 5.33
C GLY C 260 3.86 -7.99 5.08
N LYS C 261 4.76 -7.92 6.05
CA LYS C 261 5.90 -7.00 5.99
C LYS C 261 7.15 -7.78 5.60
N GLY C 262 7.89 -7.31 4.61
CA GLY C 262 9.12 -7.96 4.21
C GLY C 262 9.45 -7.66 2.76
N ASP C 263 10.48 -8.32 2.29
CA ASP C 263 11.09 -8.10 0.97
C ASP C 263 11.25 -9.42 0.24
N HIS C 264 11.90 -9.40 -0.90
CA HIS C 264 11.90 -10.60 -1.77
C HIS C 264 12.67 -11.76 -1.15
N MET C 265 13.82 -11.54 -0.58
CA MET C 265 14.68 -12.68 -0.15
C MET C 265 15.24 -12.59 1.25
N THR C 266 15.00 -11.52 2.01
CA THR C 266 15.48 -11.45 3.39
C THR C 266 14.53 -12.20 4.33
N THR C 267 13.25 -11.91 4.23
CA THR C 267 12.26 -12.15 5.29
C THR C 267 12.06 -13.66 5.54
N VAL C 268 12.17 -14.46 4.50
CA VAL C 268 12.01 -15.92 4.72
C VAL C 268 13.17 -16.47 5.56
N ARG C 269 14.27 -15.76 5.64
CA ARG C 269 15.39 -16.14 6.54
C ARG C 269 15.26 -15.52 7.91
N THR C 270 14.94 -14.25 7.98
CA THR C 270 15.03 -13.49 9.24
C THR C 270 13.76 -13.56 10.04
N GLU C 271 12.59 -13.74 9.43
CA GLU C 271 11.30 -13.74 10.12
C GLU C 271 10.52 -14.97 9.69
N PRO C 272 11.11 -16.17 9.87
CA PRO C 272 10.42 -17.39 9.42
C PRO C 272 9.15 -17.71 10.18
N LYS C 273 9.05 -17.38 11.45
CA LYS C 273 7.85 -17.64 12.23
C LYS C 273 6.68 -16.83 11.68
N MET C 274 6.89 -15.57 11.39
CA MET C 274 5.86 -14.68 10.81
C MET C 274 5.54 -15.21 9.42
N MET C 275 6.55 -15.58 8.63
CA MET C 275 6.26 -16.06 7.24
C MET C 275 5.44 -17.34 7.33
N ALA C 276 5.73 -18.25 8.24
CA ALA C 276 4.92 -19.47 8.37
C ALA C 276 3.47 -19.12 8.70
N GLU C 277 3.24 -18.20 9.64
CA GLU C 277 1.87 -17.76 9.98
C GLU C 277 1.17 -17.21 8.73
N LEU C 278 1.86 -16.40 7.94
CA LEU C 278 1.22 -15.84 6.72
C LEU C 278 0.92 -16.95 5.73
N MET C 279 1.81 -17.93 5.60
CA MET C 279 1.55 -19.04 4.67
C MET C 279 0.35 -19.86 5.10
N VAL C 280 0.13 -20.06 6.40
CA VAL C 280 -1.12 -20.69 6.88
C VAL C 280 -2.34 -19.81 6.59
N LYS C 281 -2.20 -18.49 6.79
CA LYS C 281 -3.37 -17.61 6.47
C LYS C 281 -3.70 -17.70 4.98
N ALA C 282 -2.69 -17.83 4.11
CA ALA C 282 -2.89 -17.93 2.64
C ALA C 282 -3.38 -19.32 2.25
N GLY C 283 -2.97 -20.37 2.97
CA GLY C 283 -3.22 -21.75 2.52
C GLY C 283 -4.39 -22.44 3.14
N ARG C 284 -4.83 -22.02 4.30
CA ARG C 284 -5.88 -22.70 5.07
C ARG C 284 -7.21 -22.63 4.33
N ASP C 285 -8.09 -23.59 4.63
CA ASP C 285 -9.46 -23.52 4.05
C ASP C 285 -10.25 -22.28 4.54
#